data_4IQL
#
_entry.id   4IQL
#
_cell.length_a   48.652
_cell.length_b   86.652
_cell.length_c   150.505
_cell.angle_alpha   90.00
_cell.angle_beta   90.00
_cell.angle_gamma   90.00
#
_symmetry.space_group_name_H-M   'P 21 21 21'
#
loop_
_entity.id
_entity.type
_entity.pdbx_description
1 polymer 'Enoyl-(Acyl-carrier-protein) reductase II'
2 non-polymer 'FLAVIN MONONUCLEOTIDE'
3 non-polymer 'NADPH DIHYDRO-NICOTINAMIDE-ADENINE-DINUCLEOTIDE PHOSPHATE'
4 non-polymer GLYCEROL
5 non-polymer 'SODIUM ION'
6 water water
#
_entity_poly.entity_id   1
_entity_poly.type   'polypeptide(L)'
_entity_poly.pdbx_seq_one_letter_code
;MGSSHHHHHHSSGLVPRGSHMNRICELLGIEHPIISGGMVWCSGWKLASAVSN(CSO)GGLGLIGAGSMHPDNLEHHIRS
CKAATDKPFGVNVPLLYPEMDKIMEIIMREHVPVVVTSAGSPKVWTAKLKAAGSKVIHVVSSATFARKSEAAGVDAIVAE
GFEAGGHNGREETTTLCLIPEVVDAVNIPVVAAGGIASGRAVAAALALGADAVQVGTRFALSEESSAHEDFKAHCRRSVE
GDTMLSLKAVSPTRLLKNKFYQDVFAAEQRGASVEELRELLGRGRAKQGIFEGDLHEGELEIGQAVSQISHAETVAEIMV
DLVDGYKRSLAGMPTEI
;
_entity_poly.pdbx_strand_id   A,B
#
loop_
_chem_comp.id
_chem_comp.type
_chem_comp.name
_chem_comp.formula
FMN non-polymer 'FLAVIN MONONUCLEOTIDE' 'C17 H21 N4 O9 P'
GOL non-polymer GLYCEROL 'C3 H8 O3'
NA non-polymer 'SODIUM ION' 'Na 1'
NDP non-polymer 'NADPH DIHYDRO-NICOTINAMIDE-ADENINE-DINUCLEOTIDE PHOSPHATE' 'C21 H30 N7 O17 P3'
#
# COMPACT_ATOMS: atom_id res chain seq x y z
N MET A 21 0.66 28.69 -5.01
CA MET A 21 1.79 27.78 -4.62
C MET A 21 1.27 26.49 -4.02
N ASN A 22 1.94 25.39 -4.32
CA ASN A 22 1.73 24.15 -3.55
C ASN A 22 1.93 24.45 -2.02
N ARG A 23 1.09 23.87 -1.15
CA ARG A 23 1.07 24.24 0.29
C ARG A 23 2.39 23.93 1.00
N ILE A 24 3.05 22.86 0.59
CA ILE A 24 4.31 22.50 1.21
C ILE A 24 5.43 23.41 0.70
N CYS A 25 5.48 23.63 -0.61
CA CYS A 25 6.47 24.58 -1.15
C CYS A 25 6.39 25.94 -0.43
N GLU A 26 5.19 26.45 -0.24
CA GLU A 26 5.02 27.75 0.41
C GLU A 26 5.38 27.69 1.89
N LEU A 27 4.95 26.62 2.57
CA LEU A 27 5.22 26.49 3.99
C LEU A 27 6.73 26.45 4.28
N LEU A 28 7.46 25.69 3.47
CA LEU A 28 8.83 25.40 3.79
C LEU A 28 9.81 26.26 2.98
N GLY A 29 9.30 27.02 2.02
CA GLY A 29 10.13 27.88 1.20
C GLY A 29 11.03 27.11 0.25
N ILE A 30 10.50 26.06 -0.38
CA ILE A 30 11.26 25.21 -1.32
C ILE A 30 10.60 25.18 -2.71
N GLU A 31 11.37 24.82 -3.72
CA GLU A 31 10.92 24.85 -5.09
C GLU A 31 10.03 23.64 -5.43
N HIS A 32 10.46 22.44 -5.01
CA HIS A 32 9.73 21.18 -5.32
C HIS A 32 9.25 20.52 -4.04
N PRO A 33 8.03 19.95 -4.06
CA PRO A 33 7.41 19.42 -2.82
C PRO A 33 7.95 17.99 -2.57
N ILE A 34 9.27 17.89 -2.48
CA ILE A 34 9.94 16.60 -2.32
C ILE A 34 10.90 16.70 -1.16
N ILE A 35 10.71 15.84 -0.18
CA ILE A 35 11.52 15.84 1.03
C ILE A 35 12.35 14.54 1.07
N SER A 36 13.63 14.62 1.41
CA SER A 36 14.35 13.36 1.61
C SER A 36 14.15 12.96 3.07
N GLY A 37 13.75 11.71 3.30
CA GLY A 37 13.40 11.28 4.67
C GLY A 37 14.63 11.30 5.55
N GLY A 38 14.44 11.61 6.84
CA GLY A 38 15.57 11.48 7.77
C GLY A 38 15.79 9.99 7.96
N MET A 39 17.00 9.50 7.70
CA MET A 39 17.28 8.07 7.79
C MET A 39 18.56 7.84 8.57
N VAL A 40 18.48 7.03 9.64
CA VAL A 40 19.70 6.67 10.38
C VAL A 40 20.76 6.10 9.43
N TRP A 41 22.01 6.55 9.62
CA TRP A 41 23.18 6.05 8.89
C TRP A 41 23.25 6.49 7.44
N CYS A 42 22.25 7.21 6.96
CA CYS A 42 22.22 7.56 5.53
C CYS A 42 22.20 9.06 5.32
N SER A 43 21.48 9.74 6.19
CA SER A 43 21.15 11.15 5.97
C SER A 43 22.19 12.08 6.63
N GLY A 44 23.43 11.99 6.17
CA GLY A 44 24.45 13.01 6.46
C GLY A 44 24.20 14.33 5.75
N TRP A 45 25.05 15.30 6.08
CA TRP A 45 24.91 16.60 5.43
C TRP A 45 25.07 16.50 3.90
N LYS A 46 25.90 15.57 3.45
CA LYS A 46 26.08 15.38 2.00
C LYS A 46 24.79 15.03 1.25
N LEU A 47 23.97 14.19 1.85
CA LEU A 47 22.72 13.85 1.20
C LEU A 47 21.78 15.05 1.39
N ALA A 48 21.70 15.56 2.62
CA ALA A 48 20.65 16.57 2.88
C ALA A 48 20.93 17.81 2.05
N SER A 49 22.20 18.24 2.00
CA SER A 49 22.50 19.48 1.30
C SER A 49 22.28 19.29 -0.20
N ALA A 50 22.56 18.10 -0.74
CA ALA A 50 22.35 17.90 -2.18
C ALA A 50 20.86 17.97 -2.59
N VAL A 51 20.00 17.33 -1.80
CA VAL A 51 18.54 17.42 -2.00
C VAL A 51 18.05 18.87 -1.93
N SER A 52 18.52 19.64 -0.94
CA SER A 52 18.11 21.04 -0.80
C SER A 52 18.59 21.88 -1.99
N ASN A 53 19.82 21.63 -2.42
CA ASN A 53 20.36 22.35 -3.58
C ASN A 53 19.60 22.03 -4.86
N CSO A 54 19.01 20.84 -4.93
CA CSO A 54 18.16 20.45 -6.06
CB CSO A 54 18.18 18.94 -6.34
SG CSO A 54 19.81 18.45 -6.93
C CSO A 54 16.74 20.94 -5.95
O CSO A 54 15.92 20.63 -6.82
OD CSO A 54 19.89 19.12 -8.63
N GLY A 55 16.43 21.69 -4.91
CA GLY A 55 15.11 22.31 -4.81
C GLY A 55 14.08 21.63 -3.94
N GLY A 56 14.47 20.52 -3.30
CA GLY A 56 13.62 19.84 -2.35
C GLY A 56 14.01 20.20 -0.94
N LEU A 57 13.62 19.40 0.04
CA LEU A 57 14.08 19.70 1.39
C LEU A 57 14.90 18.50 1.86
N GLY A 58 16.21 18.66 2.02
CA GLY A 58 17.01 17.56 2.54
C GLY A 58 16.92 17.53 4.07
N LEU A 59 16.77 16.32 4.64
CA LEU A 59 16.76 16.16 6.10
C LEU A 59 18.04 15.41 6.56
N ILE A 60 18.71 15.94 7.57
CA ILE A 60 19.77 15.25 8.33
C ILE A 60 19.13 14.29 9.33
N GLY A 61 19.63 13.06 9.41
CA GLY A 61 19.01 12.06 10.28
C GLY A 61 19.74 12.03 11.61
N ALA A 62 19.22 12.78 12.59
CA ALA A 62 19.88 12.86 13.91
C ALA A 62 19.90 11.55 14.67
N GLY A 63 19.01 10.63 14.32
CA GLY A 63 18.94 9.35 15.05
C GLY A 63 20.27 8.62 15.20
N SER A 64 21.17 8.80 14.23
CA SER A 64 22.47 8.06 14.24
C SER A 64 23.63 8.98 14.62
N MET A 65 23.32 10.16 15.15
CA MET A 65 24.38 11.15 15.43
C MET A 65 24.43 11.53 16.91
N HIS A 66 25.58 11.32 17.54
CA HIS A 66 25.81 11.94 18.86
C HIS A 66 25.76 13.48 18.72
N PRO A 67 25.43 14.20 19.79
CA PRO A 67 25.24 15.66 19.68
C PRO A 67 26.36 16.43 18.96
N ASP A 68 27.63 16.14 19.28
CA ASP A 68 28.74 16.86 18.66
C ASP A 68 28.72 16.64 17.15
N ASN A 69 28.52 15.39 16.73
CA ASN A 69 28.47 15.07 15.30
C ASN A 69 27.24 15.73 14.64
N LEU A 70 26.10 15.70 15.34
CA LEU A 70 24.90 16.35 14.82
C LEU A 70 25.20 17.81 14.53
N GLU A 71 25.81 18.49 15.50
CA GLU A 71 26.07 19.91 15.25
C GLU A 71 26.99 20.12 14.03
N HIS A 72 28.01 19.28 13.90
CA HIS A 72 28.89 19.36 12.73
C HIS A 72 28.12 19.21 11.43
N HIS A 73 27.22 18.24 11.36
CA HIS A 73 26.42 18.02 10.14
C HIS A 73 25.51 19.21 9.83
N ILE A 74 24.93 19.83 10.86
CA ILE A 74 24.10 21.01 10.66
C ILE A 74 24.94 22.16 10.07
N ARG A 75 26.10 22.37 10.64
CA ARG A 75 27.01 23.44 10.14
C ARG A 75 27.49 23.17 8.72
N SER A 76 27.80 21.91 8.43
CA SER A 76 28.28 21.52 7.12
C SER A 76 27.16 21.69 6.09
N CYS A 77 25.93 21.38 6.51
CA CYS A 77 24.78 21.53 5.60
C CYS A 77 24.55 23.02 5.33
N LYS A 78 24.57 23.79 6.41
CA LYS A 78 24.43 25.23 6.29
C LYS A 78 25.47 25.88 5.33
N ALA A 79 26.72 25.43 5.41
CA ALA A 79 27.79 25.90 4.50
C ALA A 79 27.56 25.43 3.08
N ALA A 80 26.96 24.26 2.91
CA ALA A 80 26.85 23.68 1.58
C ALA A 80 25.60 24.14 0.82
N THR A 81 24.59 24.62 1.53
CA THR A 81 23.38 25.07 0.84
C THR A 81 22.87 26.40 1.39
N ASP A 82 22.35 27.25 0.50
CA ASP A 82 21.67 28.47 0.95
C ASP A 82 20.15 28.24 1.06
N LYS A 83 19.70 27.05 0.73
CA LYS A 83 18.27 26.74 0.71
C LYS A 83 17.88 26.04 2.03
N PRO A 84 16.57 25.94 2.31
CA PRO A 84 16.12 25.36 3.60
C PRO A 84 16.52 23.88 3.64
N PHE A 85 16.82 23.38 4.85
CA PHE A 85 17.11 21.98 5.11
C PHE A 85 16.50 21.71 6.48
N GLY A 86 16.45 20.44 6.88
CA GLY A 86 15.89 20.21 8.19
C GLY A 86 16.60 19.09 8.91
N VAL A 87 16.18 18.82 10.14
CA VAL A 87 16.70 17.69 10.86
C VAL A 87 15.54 16.82 11.30
N ASN A 88 15.69 15.50 11.13
CA ASN A 88 14.72 14.53 11.61
C ASN A 88 15.20 14.06 12.98
N VAL A 89 14.33 14.10 13.97
CA VAL A 89 14.66 13.66 15.35
C VAL A 89 13.65 12.58 15.78
N PRO A 90 14.10 11.31 15.88
CA PRO A 90 13.25 10.27 16.51
C PRO A 90 13.18 10.57 18.00
N LEU A 91 11.98 10.59 18.57
CA LEU A 91 11.86 11.18 19.90
C LEU A 91 12.35 10.28 21.04
N LEU A 92 12.66 9.03 20.71
CA LEU A 92 13.39 8.09 21.59
C LEU A 92 14.91 8.39 21.67
N TYR A 93 15.34 9.44 20.98
CA TYR A 93 16.78 9.81 21.00
C TYR A 93 17.28 9.97 22.45
N PRO A 94 18.42 9.33 22.78
CA PRO A 94 18.77 9.25 24.22
C PRO A 94 19.29 10.53 24.94
N GLU A 95 19.72 11.53 24.20
CA GLU A 95 20.21 12.78 24.82
C GLU A 95 19.42 13.94 24.23
N MET A 96 18.11 13.90 24.46
CA MET A 96 17.19 14.80 23.77
C MET A 96 17.41 16.27 24.09
N ASP A 97 17.70 16.55 25.36
CA ASP A 97 17.85 17.93 25.79
C ASP A 97 19.02 18.58 25.03
N LYS A 98 20.11 17.86 24.94
CA LYS A 98 21.32 18.35 24.24
C LYS A 98 21.08 18.58 22.76
N ILE A 99 20.39 17.65 22.08
CA ILE A 99 20.20 17.88 20.66
C ILE A 99 19.12 18.89 20.36
N MET A 100 18.12 19.01 21.25
CA MET A 100 17.18 20.12 21.08
C MET A 100 17.86 21.46 21.28
N GLU A 101 18.72 21.55 22.29
CA GLU A 101 19.42 22.82 22.49
C GLU A 101 20.21 23.17 21.21
N ILE A 102 20.89 22.18 20.65
CA ILE A 102 21.69 22.37 19.42
C ILE A 102 20.81 22.85 18.26
N ILE A 103 19.67 22.18 18.08
CA ILE A 103 18.81 22.43 16.94
C ILE A 103 18.22 23.84 17.01
N MET A 104 17.88 24.28 18.21
CA MET A 104 17.31 25.63 18.36
C MET A 104 18.41 26.71 18.28
N ARG A 105 19.57 26.44 18.86
CA ARG A 105 20.68 27.42 18.75
C ARG A 105 21.19 27.56 17.30
N GLU A 106 21.18 26.45 16.56
CA GLU A 106 21.55 26.48 15.14
C GLU A 106 20.43 26.98 14.20
N HIS A 107 19.29 27.39 14.74
CA HIS A 107 18.19 27.91 13.91
C HIS A 107 17.86 26.97 12.73
N VAL A 108 17.71 25.69 12.99
CA VAL A 108 17.36 24.75 11.91
C VAL A 108 15.98 25.13 11.31
N PRO A 109 15.90 25.25 9.98
CA PRO A 109 14.67 25.76 9.40
C PRO A 109 13.46 24.83 9.62
N VAL A 110 13.67 23.52 9.52
CA VAL A 110 12.54 22.57 9.63
C VAL A 110 12.96 21.46 10.55
N VAL A 111 12.08 21.05 11.49
CA VAL A 111 12.39 19.87 12.33
C VAL A 111 11.27 18.86 12.11
N VAL A 112 11.63 17.62 11.79
CA VAL A 112 10.68 16.55 11.59
C VAL A 112 10.79 15.56 12.73
N THR A 113 9.72 15.42 13.51
CA THR A 113 9.83 14.54 14.68
C THR A 113 9.07 13.24 14.40
N SER A 114 9.52 12.14 15.02
CA SER A 114 8.84 10.87 14.85
C SER A 114 8.96 10.03 16.14
N ALA A 115 8.18 8.97 16.19
CA ALA A 115 8.28 8.01 17.28
C ALA A 115 8.21 8.64 18.66
N GLY A 116 7.12 9.33 18.94
CA GLY A 116 6.99 9.94 20.28
C GLY A 116 5.89 10.97 20.20
N SER A 117 5.69 11.75 21.26
CA SER A 117 4.54 12.66 21.29
C SER A 117 4.90 14.03 20.71
N PRO A 118 4.03 14.58 19.83
CA PRO A 118 4.37 15.92 19.27
C PRO A 118 4.15 17.03 20.28
N LYS A 119 3.56 16.69 21.42
CA LYS A 119 3.25 17.70 22.42
C LYS A 119 4.48 18.14 23.17
N VAL A 120 5.52 17.30 23.17
CA VAL A 120 6.68 17.60 23.99
C VAL A 120 7.51 18.82 23.51
N TRP A 121 7.85 18.83 22.22
CA TRP A 121 8.78 19.82 21.71
C TRP A 121 8.20 20.84 20.75
N THR A 122 6.98 20.61 20.28
CA THR A 122 6.45 21.41 19.16
C THR A 122 6.39 22.90 19.48
N ALA A 123 5.82 23.25 20.63
CA ALA A 123 5.65 24.69 20.91
C ALA A 123 7.03 25.37 21.06
N LYS A 124 7.94 24.71 21.76
CA LYS A 124 9.30 25.21 21.91
C LYS A 124 10.07 25.36 20.60
N LEU A 125 10.04 24.34 19.72
CA LEU A 125 10.67 24.46 18.40
C LEU A 125 10.07 25.60 17.57
N LYS A 126 8.74 25.77 17.64
CA LYS A 126 8.10 26.83 16.88
C LYS A 126 8.48 28.19 17.43
N ALA A 127 8.55 28.30 18.75
CA ALA A 127 8.96 29.57 19.41
C ALA A 127 10.39 29.91 18.96
N ALA A 128 11.21 28.90 18.75
CA ALA A 128 12.58 29.09 18.30
C ALA A 128 12.68 29.39 16.80
N GLY A 129 11.55 29.36 16.08
CA GLY A 129 11.55 29.72 14.65
C GLY A 129 11.56 28.57 13.66
N SER A 130 11.53 27.33 14.14
CA SER A 130 11.49 26.18 13.21
C SER A 130 10.09 25.86 12.78
N LYS A 131 9.94 25.37 11.54
CA LYS A 131 8.64 24.75 11.15
C LYS A 131 8.68 23.31 11.70
N VAL A 132 7.56 22.78 12.18
CA VAL A 132 7.59 21.45 12.82
C VAL A 132 6.66 20.53 12.06
N ILE A 133 7.17 19.34 11.74
CA ILE A 133 6.44 18.30 11.03
C ILE A 133 6.59 17.02 11.84
N HIS A 134 5.47 16.34 12.08
CA HIS A 134 5.49 15.10 12.83
C HIS A 134 5.04 13.93 11.93
N VAL A 135 5.65 12.76 12.16
CA VAL A 135 5.37 11.59 11.33
C VAL A 135 4.30 10.77 12.02
N VAL A 136 3.27 10.37 11.28
CA VAL A 136 2.14 9.60 11.85
C VAL A 136 1.82 8.43 10.92
N SER A 137 1.05 7.47 11.42
CA SER A 137 0.71 6.29 10.63
C SER A 137 -0.80 6.03 10.68
N SER A 138 -1.56 7.02 11.15
CA SER A 138 -3.02 6.92 11.22
C SER A 138 -3.67 8.31 11.19
N ALA A 139 -4.92 8.36 10.74
CA ALA A 139 -5.73 9.60 10.81
C ALA A 139 -5.91 10.08 12.24
N THR A 140 -6.08 9.15 13.17
CA THR A 140 -6.26 9.52 14.57
C THR A 140 -5.03 10.24 15.11
N PHE A 141 -3.87 9.72 14.78
CA PHE A 141 -2.65 10.37 15.24
C PHE A 141 -2.33 11.62 14.45
N ALA A 142 -2.77 11.68 13.21
CA ALA A 142 -2.67 12.92 12.42
C ALA A 142 -3.45 14.02 13.14
N ARG A 143 -4.67 13.71 13.53
CA ARG A 143 -5.45 14.66 14.33
C ARG A 143 -4.81 15.09 15.66
N LYS A 144 -4.17 14.16 16.35
CA LYS A 144 -3.51 14.55 17.60
C LYS A 144 -2.30 15.48 17.34
N SER A 145 -1.63 15.26 16.22
CA SER A 145 -0.49 16.14 15.84
C SER A 145 -0.97 17.50 15.44
N GLU A 146 -2.05 17.57 14.65
CA GLU A 146 -2.65 18.85 14.32
C GLU A 146 -3.04 19.62 15.60
N ALA A 147 -3.69 18.93 16.54
CA ALA A 147 -4.09 19.53 17.85
C ALA A 147 -2.85 20.02 18.64
N ALA A 148 -1.73 19.36 18.46
CA ALA A 148 -0.50 19.72 19.17
C ALA A 148 0.18 20.95 18.55
N GLY A 149 -0.34 21.42 17.42
CA GLY A 149 0.13 22.66 16.81
C GLY A 149 1.24 22.45 15.77
N VAL A 150 1.45 21.21 15.29
CA VAL A 150 2.49 21.03 14.21
C VAL A 150 2.10 21.81 12.94
N ASP A 151 3.09 22.17 12.13
CA ASP A 151 2.80 22.89 10.87
C ASP A 151 2.38 21.96 9.73
N ALA A 152 2.79 20.70 9.78
CA ALA A 152 2.38 19.74 8.76
C ALA A 152 2.64 18.34 9.31
N ILE A 153 2.10 17.33 8.64
CA ILE A 153 2.45 15.95 9.01
C ILE A 153 2.92 15.10 7.84
N VAL A 154 3.72 14.07 8.17
CA VAL A 154 4.07 13.03 7.19
C VAL A 154 3.23 11.82 7.58
N ALA A 155 2.52 11.25 6.63
CA ALA A 155 1.72 10.07 6.86
C ALA A 155 2.49 8.93 6.21
N GLU A 156 2.92 7.95 6.98
CA GLU A 156 3.86 6.98 6.42
C GLU A 156 3.19 5.62 6.31
N GLY A 157 3.15 5.06 5.11
CA GLY A 157 2.50 3.77 4.86
C GLY A 157 3.39 2.54 5.17
N PHE A 158 2.70 1.40 5.32
CA PHE A 158 3.24 0.04 5.49
C PHE A 158 4.46 -0.29 4.63
N GLU A 159 4.46 0.17 3.37
CA GLU A 159 5.57 -0.12 2.46
C GLU A 159 6.91 0.59 2.73
N ALA A 160 6.89 1.60 3.60
CA ALA A 160 8.08 2.39 3.95
C ALA A 160 9.17 1.51 4.58
N GLY A 161 10.42 1.92 4.40
CA GLY A 161 11.51 1.30 5.17
C GLY A 161 11.54 1.76 6.61
N GLY A 162 12.13 0.93 7.48
CA GLY A 162 12.32 1.27 8.90
C GLY A 162 11.10 1.05 9.78
N HIS A 163 11.02 1.76 10.88
CA HIS A 163 9.95 1.55 11.86
C HIS A 163 8.62 2.09 11.31
N ASN A 164 7.61 1.24 11.29
CA ASN A 164 6.30 1.58 10.71
C ASN A 164 5.17 1.40 11.72
N GLY A 165 3.99 1.89 11.39
CA GLY A 165 2.89 1.91 12.34
C GLY A 165 2.34 0.51 12.45
N ARG A 166 1.85 0.19 13.65
CA ARG A 166 1.22 -1.09 13.95
C ARG A 166 -0.07 -1.42 13.16
N GLU A 167 -0.77 -0.40 12.66
CA GLU A 167 -2.02 -0.62 11.95
C GLU A 167 -1.80 -1.29 10.58
N GLU A 168 -0.56 -1.13 10.05
CA GLU A 168 -0.16 -1.71 8.76
C GLU A 168 -0.95 -1.07 7.60
N THR A 169 -1.33 0.21 7.76
CA THR A 169 -2.16 0.80 6.71
C THR A 169 -1.24 1.23 5.57
N THR A 170 -1.57 0.88 4.33
CA THR A 170 -0.68 1.16 3.23
C THR A 170 -0.83 2.65 2.84
N THR A 171 0.15 3.15 2.09
CA THR A 171 0.09 4.52 1.60
C THR A 171 -1.22 4.81 0.88
N LEU A 172 -1.63 3.90 -0.01
CA LEU A 172 -2.85 4.13 -0.81
C LEU A 172 -4.13 4.26 0.03
N CYS A 173 -4.20 3.49 1.10
CA CYS A 173 -5.32 3.62 2.07
C CYS A 173 -5.13 4.70 3.13
N LEU A 174 -3.91 5.08 3.44
CA LEU A 174 -3.66 6.07 4.52
C LEU A 174 -3.89 7.51 4.06
N ILE A 175 -3.33 7.86 2.90
CA ILE A 175 -3.33 9.26 2.49
C ILE A 175 -4.75 9.85 2.39
N PRO A 176 -5.69 9.17 1.68
CA PRO A 176 -7.04 9.82 1.56
C PRO A 176 -7.73 10.02 2.92
N GLU A 177 -7.52 9.07 3.83
CA GLU A 177 -8.10 9.19 5.17
C GLU A 177 -7.42 10.27 6.00
N VAL A 178 -6.10 10.38 5.90
CA VAL A 178 -5.41 11.41 6.65
C VAL A 178 -5.77 12.80 6.07
N VAL A 179 -5.71 12.99 4.75
CA VAL A 179 -6.05 14.35 4.23
C VAL A 179 -7.51 14.78 4.48
N ASP A 180 -8.41 13.82 4.57
CA ASP A 180 -9.78 14.17 4.99
C ASP A 180 -9.90 14.51 6.50
N ALA A 181 -8.91 14.13 7.30
CA ALA A 181 -8.98 14.26 8.74
C ALA A 181 -8.42 15.58 9.24
N VAL A 182 -7.52 16.20 8.48
CA VAL A 182 -6.83 17.37 9.00
C VAL A 182 -6.88 18.49 8.01
N ASN A 183 -6.63 19.71 8.49
CA ASN A 183 -6.60 20.85 7.59
C ASN A 183 -5.19 21.27 7.21
N ILE A 184 -4.18 20.77 7.91
CA ILE A 184 -2.79 21.16 7.65
C ILE A 184 -2.23 20.32 6.50
N PRO A 185 -1.16 20.77 5.87
CA PRO A 185 -0.54 20.01 4.76
C PRO A 185 -0.08 18.61 5.15
N VAL A 186 -0.11 17.71 4.17
CA VAL A 186 0.16 16.30 4.44
C VAL A 186 1.23 15.85 3.42
N VAL A 187 2.28 15.22 3.94
CA VAL A 187 3.34 14.69 3.10
C VAL A 187 3.19 13.16 3.11
N ALA A 188 3.12 12.56 1.93
CA ALA A 188 2.99 11.11 1.84
C ALA A 188 4.39 10.47 1.90
N ALA A 189 4.54 9.38 2.67
CA ALA A 189 5.83 8.66 2.72
C ALA A 189 5.53 7.18 2.61
N GLY A 190 6.38 6.43 1.92
CA GLY A 190 6.22 4.95 1.89
C GLY A 190 5.85 4.60 0.43
N GLY A 191 6.85 4.11 -0.31
CA GLY A 191 6.61 3.60 -1.65
C GLY A 191 6.87 4.63 -2.76
N ILE A 192 7.31 5.83 -2.39
CA ILE A 192 7.55 6.88 -3.40
C ILE A 192 9.00 6.77 -3.97
N ALA A 193 9.15 6.11 -5.11
CA ALA A 193 10.45 5.89 -5.72
C ALA A 193 10.49 6.28 -7.21
N SER A 194 9.46 6.98 -7.69
CA SER A 194 9.33 7.30 -9.10
C SER A 194 8.41 8.50 -9.24
N GLY A 195 8.45 9.16 -10.40
CA GLY A 195 7.52 10.24 -10.74
C GLY A 195 6.07 9.77 -10.76
N ARG A 196 5.82 8.53 -11.21
CA ARG A 196 4.44 7.97 -11.19
C ARG A 196 3.91 7.94 -9.77
N ALA A 197 4.74 7.49 -8.82
CA ALA A 197 4.27 7.37 -7.42
C ALA A 197 4.07 8.76 -6.82
N VAL A 198 4.88 9.73 -7.27
CA VAL A 198 4.63 11.12 -6.81
C VAL A 198 3.30 11.63 -7.30
N ALA A 199 2.96 11.30 -8.54
CA ALA A 199 1.64 11.63 -9.03
C ALA A 199 0.55 10.92 -8.27
N ALA A 200 0.73 9.61 -8.00
CA ALA A 200 -0.30 8.89 -7.26
C ALA A 200 -0.53 9.55 -5.90
N ALA A 201 0.56 9.95 -5.21
CA ALA A 201 0.45 10.61 -3.89
C ALA A 201 -0.31 11.94 -3.96
N LEU A 202 -0.07 12.72 -5.01
CA LEU A 202 -0.83 13.99 -5.15
C LEU A 202 -2.26 13.76 -5.62
N ALA A 203 -2.48 12.70 -6.39
CA ALA A 203 -3.87 12.30 -6.74
C ALA A 203 -4.69 11.93 -5.48
N LEU A 204 -4.05 11.32 -4.51
CA LEU A 204 -4.71 10.92 -3.26
C LEU A 204 -4.97 12.11 -2.32
N GLY A 205 -4.32 13.23 -2.62
CA GLY A 205 -4.59 14.47 -1.91
C GLY A 205 -3.42 14.98 -1.06
N ALA A 206 -2.28 14.29 -1.08
CA ALA A 206 -1.12 14.80 -0.31
C ALA A 206 -0.59 16.05 -0.99
N ASP A 207 0.07 16.91 -0.23
CA ASP A 207 0.70 18.10 -0.79
C ASP A 207 2.15 17.82 -1.24
N ALA A 208 2.76 16.76 -0.71
CA ALA A 208 4.16 16.54 -1.04
C ALA A 208 4.50 15.10 -0.76
N VAL A 209 5.75 14.71 -1.06
CA VAL A 209 6.20 13.36 -0.79
C VAL A 209 7.50 13.41 0.00
N GLN A 210 7.69 12.38 0.79
CA GLN A 210 8.94 12.15 1.49
C GLN A 210 9.50 10.84 0.92
N VAL A 211 10.71 10.93 0.37
CA VAL A 211 11.37 9.83 -0.31
C VAL A 211 12.51 9.35 0.57
N GLY A 212 12.46 8.08 0.93
CA GLY A 212 13.51 7.47 1.80
C GLY A 212 14.40 6.53 0.99
N THR A 213 13.88 5.34 0.71
CA THR A 213 14.66 4.27 0.10
C THR A 213 15.48 4.73 -1.10
N ARG A 214 14.86 5.43 -2.04
CA ARG A 214 15.59 5.84 -3.24
C ARG A 214 16.78 6.77 -2.94
N PHE A 215 16.56 7.70 -2.00
CA PHE A 215 17.69 8.52 -1.57
C PHE A 215 18.73 7.77 -0.69
N ALA A 216 18.31 6.76 0.10
CA ALA A 216 19.24 5.94 0.93
C ALA A 216 20.26 5.22 0.03
N LEU A 217 19.82 4.87 -1.17
CA LEU A 217 20.71 4.16 -2.12
C LEU A 217 21.44 5.11 -3.06
N SER A 218 21.21 6.41 -2.93
CA SER A 218 21.89 7.35 -3.81
C SER A 218 23.39 7.46 -3.50
N GLU A 219 24.13 8.04 -4.45
CA GLU A 219 25.59 8.20 -4.25
C GLU A 219 25.91 9.03 -2.98
N GLU A 220 25.08 10.02 -2.65
CA GLU A 220 25.37 10.95 -1.56
C GLU A 220 25.01 10.38 -0.20
N SER A 221 24.21 9.32 -0.18
CA SER A 221 23.84 8.73 1.10
C SER A 221 25.09 8.23 1.81
N SER A 222 25.09 8.32 3.13
CA SER A 222 26.22 7.86 3.93
C SER A 222 26.21 6.35 4.16
N ALA A 223 25.21 5.64 3.63
CA ALA A 223 25.17 4.20 3.92
C ALA A 223 26.39 3.54 3.30
N HIS A 224 26.79 2.40 3.86
CA HIS A 224 27.97 1.64 3.35
C HIS A 224 27.71 1.24 1.91
N GLU A 225 28.72 1.33 1.04
CA GLU A 225 28.51 0.89 -0.35
C GLU A 225 28.08 -0.58 -0.52
N ASP A 226 28.43 -1.44 0.42
CA ASP A 226 28.00 -2.83 0.34
C ASP A 226 26.50 -2.95 0.61
N PHE A 227 26.00 -2.15 1.55
CA PHE A 227 24.57 -2.08 1.82
C PHE A 227 23.82 -1.62 0.56
N LYS A 228 24.28 -0.53 -0.03
CA LYS A 228 23.60 -0.02 -1.22
C LYS A 228 23.60 -1.05 -2.33
N ALA A 229 24.76 -1.64 -2.60
CA ALA A 229 24.84 -2.66 -3.69
C ALA A 229 23.93 -3.87 -3.44
N HIS A 230 23.91 -4.37 -2.20
CA HIS A 230 23.02 -5.47 -1.83
C HIS A 230 21.53 -5.10 -2.03
N CYS A 231 21.14 -3.91 -1.59
CA CYS A 231 19.76 -3.43 -1.81
C CYS A 231 19.39 -3.42 -3.29
N ARG A 232 20.32 -3.02 -4.13
CA ARG A 232 20.03 -2.99 -5.58
C ARG A 232 19.80 -4.35 -6.18
N ARG A 233 20.34 -5.38 -5.59
CA ARG A 233 20.10 -6.74 -6.07
C ARG A 233 18.81 -7.36 -5.60
N SER A 234 18.17 -6.75 -4.60
CA SER A 234 16.97 -7.38 -4.06
C SER A 234 15.75 -7.25 -5.00
N VAL A 235 14.81 -8.17 -4.86
CA VAL A 235 13.65 -8.26 -5.75
C VAL A 235 12.36 -8.17 -4.95
N GLU A 236 11.22 -8.15 -5.62
CA GLU A 236 9.93 -8.04 -4.94
C GLU A 236 9.81 -9.15 -3.92
N GLY A 237 9.33 -8.78 -2.75
CA GLY A 237 9.11 -9.70 -1.66
C GLY A 237 10.35 -9.96 -0.82
N ASP A 238 11.47 -9.31 -1.14
CA ASP A 238 12.66 -9.42 -0.27
C ASP A 238 12.60 -8.68 1.09
N THR A 239 11.62 -7.78 1.29
CA THR A 239 11.48 -7.11 2.57
C THR A 239 10.24 -7.65 3.27
N MET A 240 10.19 -7.46 4.59
CA MET A 240 9.08 -7.93 5.39
C MET A 240 8.96 -7.00 6.58
N LEU A 241 7.73 -6.61 6.95
CA LEU A 241 7.53 -5.82 8.16
C LEU A 241 7.66 -6.83 9.28
N SER A 242 8.62 -6.64 10.18
CA SER A 242 8.99 -7.73 11.10
C SER A 242 9.09 -7.21 12.54
N LEU A 243 9.44 -8.08 13.48
CA LEU A 243 9.67 -7.70 14.89
C LEU A 243 8.47 -7.02 15.46
N LYS A 244 7.28 -7.40 14.99
CA LYS A 244 6.09 -6.66 15.37
C LYS A 244 5.78 -6.63 16.88
N ALA A 245 6.15 -7.68 17.59
CA ALA A 245 5.89 -7.71 19.03
C ALA A 245 6.82 -6.76 19.79
N VAL A 246 7.93 -6.35 19.17
CA VAL A 246 8.85 -5.41 19.78
C VAL A 246 8.59 -4.03 19.22
N SER A 247 8.85 -3.84 17.92
CA SER A 247 8.49 -2.59 17.23
C SER A 247 8.54 -2.85 15.73
N PRO A 248 7.38 -2.86 15.04
CA PRO A 248 7.35 -3.22 13.62
C PRO A 248 8.41 -2.48 12.84
N THR A 249 9.21 -3.22 12.09
CA THR A 249 10.31 -2.66 11.33
C THR A 249 10.40 -3.37 9.98
N ARG A 250 10.52 -2.60 8.90
CA ARG A 250 10.61 -3.23 7.58
C ARG A 250 12.07 -3.35 7.23
N LEU A 251 12.48 -4.57 6.96
CA LEU A 251 13.85 -4.83 6.66
C LEU A 251 13.95 -5.97 5.64
N LEU A 252 15.11 -6.05 5.02
CA LEU A 252 15.46 -7.14 4.10
C LEU A 252 15.53 -8.46 4.86
N LYS A 253 15.13 -9.54 4.18
CA LYS A 253 15.05 -10.83 4.82
C LYS A 253 16.42 -11.50 4.86
N ASN A 254 17.32 -10.98 5.69
CA ASN A 254 18.67 -11.54 5.71
C ASN A 254 18.79 -12.55 6.82
N LYS A 255 20.03 -12.86 7.23
CA LYS A 255 20.24 -13.85 8.27
C LYS A 255 19.61 -13.42 9.61
N PHE A 256 19.76 -12.17 9.98
CA PHE A 256 19.14 -11.69 11.19
C PHE A 256 17.62 -11.87 11.16
N TYR A 257 16.98 -11.49 10.06
CA TYR A 257 15.54 -11.68 9.93
C TYR A 257 15.17 -13.17 10.07
N GLN A 258 15.97 -14.05 9.47
CA GLN A 258 15.69 -15.48 9.57
C GLN A 258 15.68 -15.96 11.01
N ASP A 259 16.59 -15.43 11.82
CA ASP A 259 16.64 -15.78 13.25
C ASP A 259 15.38 -15.33 13.96
N VAL A 260 14.91 -14.14 13.60
CA VAL A 260 13.71 -13.55 14.19
C VAL A 260 12.50 -14.37 13.80
N PHE A 261 12.40 -14.72 12.52
CA PHE A 261 11.27 -15.48 12.02
C PHE A 261 11.21 -16.88 12.68
N ALA A 262 12.35 -17.52 12.84
CA ALA A 262 12.35 -18.85 13.48
C ALA A 262 11.89 -18.72 14.94
N ALA A 263 12.36 -17.66 15.62
CA ALA A 263 11.95 -17.36 16.98
C ALA A 263 10.44 -17.10 17.07
N GLU A 264 9.90 -16.29 16.17
CA GLU A 264 8.46 -16.00 16.22
C GLU A 264 7.64 -17.26 16.01
N GLN A 265 8.06 -18.12 15.09
CA GLN A 265 7.39 -19.40 14.79
C GLN A 265 7.41 -20.34 15.99
N ARG A 266 8.46 -20.26 16.81
CA ARG A 266 8.49 -21.09 18.00
C ARG A 266 7.71 -20.43 19.18
N GLY A 267 7.02 -19.31 18.96
CA GLY A 267 6.34 -18.59 20.06
C GLY A 267 7.26 -17.90 21.07
N ALA A 268 8.39 -17.37 20.59
CA ALA A 268 9.29 -16.64 21.47
C ALA A 268 8.58 -15.52 22.22
N SER A 269 9.00 -15.22 23.45
CA SER A 269 8.40 -14.13 24.17
C SER A 269 8.95 -12.81 23.67
N VAL A 270 8.30 -11.68 24.04
CA VAL A 270 8.87 -10.37 23.77
C VAL A 270 10.32 -10.24 24.30
N GLU A 271 10.60 -10.75 25.49
CA GLU A 271 11.95 -10.62 26.04
C GLU A 271 12.99 -11.41 25.23
N GLU A 272 12.62 -12.59 24.76
CA GLU A 272 13.48 -13.37 23.85
C GLU A 272 13.76 -12.60 22.55
N LEU A 273 12.72 -11.99 21.99
CA LEU A 273 12.93 -11.28 20.74
C LEU A 273 13.81 -10.05 21.00
N ARG A 274 13.59 -9.39 22.13
CA ARG A 274 14.41 -8.24 22.50
C ARG A 274 15.88 -8.62 22.66
N GLU A 275 16.13 -9.80 23.22
CA GLU A 275 17.52 -10.27 23.43
C GLU A 275 18.20 -10.56 22.08
N LEU A 276 17.45 -11.19 21.18
CA LEU A 276 17.95 -11.45 19.85
C LEU A 276 18.22 -10.13 19.08
N LEU A 277 17.27 -9.19 19.11
CA LEU A 277 17.49 -7.87 18.49
C LEU A 277 18.77 -7.20 19.02
N GLY A 278 18.95 -7.21 20.34
CA GLY A 278 20.19 -6.67 20.89
C GLY A 278 20.29 -5.20 20.59
N ARG A 279 21.51 -4.72 20.30
CA ARG A 279 21.77 -3.29 20.16
C ARG A 279 22.74 -3.07 19.01
N GLY A 280 22.53 -1.99 18.25
CA GLY A 280 23.45 -1.58 17.20
C GLY A 280 23.34 -2.29 15.85
N ARG A 281 22.33 -3.15 15.65
CA ARG A 281 22.30 -3.91 14.41
C ARG A 281 22.07 -3.00 13.18
N ALA A 282 21.25 -1.95 13.35
CA ALA A 282 20.99 -1.03 12.24
C ALA A 282 22.32 -0.38 11.81
N LYS A 283 23.13 0.08 12.78
CA LYS A 283 24.42 0.65 12.44
C LYS A 283 25.31 -0.39 11.73
N GLN A 284 25.39 -1.59 12.31
CA GLN A 284 26.23 -2.64 11.70
C GLN A 284 25.83 -2.96 10.27
N GLY A 285 24.52 -3.02 10.00
CA GLY A 285 24.07 -3.31 8.64
C GLY A 285 24.20 -2.12 7.69
N ILE A 286 23.51 -1.02 8.01
CA ILE A 286 23.42 0.12 7.09
C ILE A 286 24.72 0.91 6.96
N PHE A 287 25.35 1.19 8.11
CA PHE A 287 26.59 2.01 8.15
C PHE A 287 27.85 1.21 7.91
N GLU A 288 27.91 0.00 8.48
CA GLU A 288 29.14 -0.79 8.40
C GLU A 288 29.09 -1.95 7.39
N GLY A 289 27.95 -2.20 6.77
CA GLY A 289 27.89 -3.18 5.69
C GLY A 289 27.91 -4.64 6.14
N ASP A 290 27.59 -4.91 7.40
CA ASP A 290 27.41 -6.30 7.83
C ASP A 290 26.04 -6.81 7.35
N LEU A 291 26.03 -7.48 6.21
CA LEU A 291 24.79 -7.88 5.60
C LEU A 291 24.19 -9.13 6.24
N HIS A 292 24.88 -9.77 7.17
CA HIS A 292 24.31 -10.95 7.79
C HIS A 292 23.65 -10.60 9.10
N GLU A 293 24.37 -9.90 9.97
CA GLU A 293 23.83 -9.63 11.32
C GLU A 293 23.16 -8.23 11.39
N GLY A 294 23.27 -7.45 10.32
CA GLY A 294 22.70 -6.10 10.37
C GLY A 294 21.17 -6.08 10.25
N GLU A 295 20.59 -4.96 10.67
CA GLU A 295 19.17 -4.77 10.50
C GLU A 295 19.04 -3.91 9.25
N LEU A 296 18.66 -4.54 8.15
CA LEU A 296 18.76 -3.90 6.85
C LEU A 296 17.47 -3.19 6.49
N GLU A 297 17.24 -2.03 7.09
CA GLU A 297 15.97 -1.30 6.91
C GLU A 297 15.92 -0.72 5.52
N ILE A 298 14.84 -1.02 4.80
CA ILE A 298 14.64 -0.51 3.46
C ILE A 298 13.19 -0.73 3.05
N GLY A 299 12.66 0.12 2.15
CA GLY A 299 11.25 0.01 1.77
C GLY A 299 11.00 -1.03 0.68
N GLN A 300 9.74 -1.42 0.50
CA GLN A 300 9.34 -2.35 -0.58
C GLN A 300 9.79 -1.84 -1.94
N ALA A 301 9.84 -0.52 -2.09
CA ALA A 301 10.20 0.06 -3.40
C ALA A 301 11.65 -0.22 -3.79
N VAL A 302 12.43 -0.82 -2.89
CA VAL A 302 13.80 -1.17 -3.23
C VAL A 302 13.91 -1.99 -4.54
N SER A 303 12.84 -2.73 -4.83
CA SER A 303 12.84 -3.61 -5.97
C SER A 303 12.81 -2.82 -7.28
N GLN A 304 12.53 -1.51 -7.22
CA GLN A 304 12.51 -0.68 -8.42
C GLN A 304 13.88 -0.07 -8.76
N ILE A 305 14.82 -0.13 -7.83
CA ILE A 305 16.09 0.51 -8.05
C ILE A 305 17.12 -0.52 -8.48
N SER A 306 17.76 -0.32 -9.63
CA SER A 306 18.72 -1.34 -10.12
C SER A 306 20.20 -0.92 -10.24
N HIS A 307 20.46 0.39 -10.27
CA HIS A 307 21.84 0.89 -10.43
C HIS A 307 22.05 2.14 -9.60
N ALA A 308 23.33 2.44 -9.34
CA ALA A 308 23.76 3.64 -8.62
C ALA A 308 23.22 4.87 -9.33
N GLU A 309 22.89 5.93 -8.60
CA GLU A 309 22.50 7.20 -9.20
C GLU A 309 22.74 8.31 -8.17
N THR A 310 22.79 9.54 -8.63
CA THR A 310 23.04 10.68 -7.75
C THR A 310 21.69 11.30 -7.36
N VAL A 311 21.71 12.11 -6.29
CA VAL A 311 20.53 12.90 -5.89
C VAL A 311 20.00 13.74 -7.07
N ALA A 312 20.90 14.32 -7.87
CA ALA A 312 20.37 15.16 -8.95
C ALA A 312 19.66 14.34 -10.05
N GLU A 313 20.19 13.16 -10.35
CA GLU A 313 19.53 12.26 -11.29
C GLU A 313 18.15 11.84 -10.79
N ILE A 314 18.06 11.55 -9.49
CA ILE A 314 16.77 11.13 -8.88
C ILE A 314 15.77 12.29 -8.91
N MET A 315 16.23 13.49 -8.53
CA MET A 315 15.34 14.64 -8.51
C MET A 315 14.76 14.95 -9.88
N VAL A 316 15.60 14.93 -10.90
CA VAL A 316 15.16 15.19 -12.26
C VAL A 316 14.13 14.12 -12.67
N ASP A 317 14.41 12.86 -12.36
CA ASP A 317 13.51 11.73 -12.63
C ASP A 317 12.15 11.86 -11.95
N LEU A 318 12.14 12.21 -10.69
CA LEU A 318 10.87 12.38 -9.95
C LEU A 318 10.06 13.54 -10.52
N VAL A 319 10.71 14.68 -10.80
CA VAL A 319 10.01 15.83 -11.33
C VAL A 319 9.48 15.61 -12.75
N ASP A 320 10.35 15.16 -13.65
CA ASP A 320 9.98 14.92 -15.05
C ASP A 320 9.02 13.74 -15.13
N GLY A 321 9.23 12.70 -14.33
CA GLY A 321 8.27 11.57 -14.32
C GLY A 321 6.86 11.95 -13.88
N TYR A 322 6.75 12.83 -12.89
CA TYR A 322 5.47 13.38 -12.46
C TYR A 322 4.78 14.05 -13.64
N LYS A 323 5.52 14.93 -14.31
CA LYS A 323 4.97 15.65 -15.42
C LYS A 323 4.40 14.71 -16.47
N ARG A 324 5.16 13.67 -16.86
CA ARG A 324 4.71 12.71 -17.88
C ARG A 324 3.54 11.89 -17.42
N SER A 325 3.56 11.44 -16.15
CA SER A 325 2.48 10.62 -15.60
CA SER A 325 2.47 10.61 -15.66
C SER A 325 1.17 11.40 -15.70
N LEU A 326 1.19 12.62 -15.15
CA LEU A 326 -0.02 13.47 -15.19
C LEU A 326 -0.52 13.78 -16.63
N ALA A 327 0.40 14.13 -17.51
CA ALA A 327 0.01 14.45 -18.88
C ALA A 327 -0.63 13.27 -19.62
N GLY A 328 -0.27 12.04 -19.28
CA GLY A 328 -0.86 10.85 -19.90
C GLY A 328 -2.16 10.33 -19.25
N MET A 329 -2.68 11.02 -18.22
CA MET A 329 -3.94 10.58 -17.57
C MET A 329 -5.12 10.92 -18.48
N PRO A 330 -6.12 10.00 -18.56
CA PRO A 330 -7.36 10.34 -19.33
C PRO A 330 -8.07 11.51 -18.65
N THR A 331 -8.80 12.32 -19.42
CA THR A 331 -9.49 13.48 -18.84
C THR A 331 -10.69 13.03 -18.00
N GLU A 332 -11.17 11.83 -18.27
CA GLU A 332 -12.24 11.30 -17.48
C GLU A 332 -12.20 9.81 -17.56
N ILE A 333 -12.96 9.18 -16.70
CA ILE A 333 -13.13 7.75 -16.81
C ILE A 333 -14.60 7.37 -17.09
N MET B 21 -7.82 5.93 -26.46
CA MET B 21 -8.86 4.97 -25.97
C MET B 21 -8.29 3.99 -24.89
N ASN B 22 -9.00 3.90 -23.78
CA ASN B 22 -8.58 3.07 -22.67
C ASN B 22 -8.44 1.59 -23.09
N ARG B 23 -7.29 1.00 -22.80
CA ARG B 23 -7.04 -0.33 -23.27
C ARG B 23 -8.02 -1.38 -22.74
N ILE B 24 -8.42 -1.25 -21.48
CA ILE B 24 -9.41 -2.18 -20.91
C ILE B 24 -10.81 -1.92 -21.47
N CYS B 25 -11.23 -0.66 -21.63
CA CYS B 25 -12.52 -0.39 -22.28
C CYS B 25 -12.62 -1.06 -23.64
N GLU B 26 -11.55 -0.96 -24.41
CA GLU B 26 -11.56 -1.52 -25.73
C GLU B 26 -11.48 -3.05 -25.70
N LEU B 27 -10.66 -3.61 -24.80
CA LEU B 27 -10.58 -5.06 -24.74
C LEU B 27 -11.92 -5.67 -24.38
N LEU B 28 -12.61 -5.06 -23.42
CA LEU B 28 -13.76 -5.70 -22.80
C LEU B 28 -15.07 -5.16 -23.30
N GLY B 29 -15.02 -4.08 -24.10
CA GLY B 29 -16.23 -3.45 -24.64
C GLY B 29 -17.13 -2.77 -23.62
N ILE B 30 -16.53 -2.12 -22.61
CA ILE B 30 -17.31 -1.45 -21.56
C ILE B 30 -17.00 0.05 -21.59
N GLU B 31 -17.91 0.83 -21.03
CA GLU B 31 -17.78 2.29 -20.98
C GLU B 31 -16.76 2.84 -19.97
N HIS B 32 -16.67 2.28 -18.76
CA HIS B 32 -15.81 2.83 -17.72
C HIS B 32 -14.86 1.72 -17.35
N PRO B 33 -13.58 2.02 -17.09
CA PRO B 33 -12.58 0.97 -16.72
C PRO B 33 -12.63 0.60 -15.24
N ILE B 34 -13.80 0.14 -14.81
CA ILE B 34 -14.04 -0.22 -13.44
C ILE B 34 -14.67 -1.63 -13.48
N ILE B 35 -14.06 -2.52 -12.72
CA ILE B 35 -14.56 -3.90 -12.64
C ILE B 35 -14.95 -4.16 -11.19
N SER B 36 -16.09 -4.82 -10.89
CA SER B 36 -16.33 -5.17 -9.48
C SER B 36 -15.69 -6.54 -9.28
N GLY B 37 -14.84 -6.68 -8.29
CA GLY B 37 -14.13 -7.96 -8.15
C GLY B 37 -15.05 -9.12 -7.81
N GLY B 38 -14.70 -10.31 -8.27
CA GLY B 38 -15.51 -11.48 -7.90
C GLY B 38 -15.26 -11.76 -6.42
N MET B 39 -16.34 -11.81 -5.63
CA MET B 39 -16.20 -11.92 -4.19
C MET B 39 -17.15 -13.00 -3.70
N VAL B 40 -16.63 -14.02 -3.01
CA VAL B 40 -17.55 -15.04 -2.47
C VAL B 40 -18.61 -14.45 -1.56
N TRP B 41 -19.86 -14.88 -1.73
CA TRP B 41 -21.00 -14.50 -0.87
C TRP B 41 -21.53 -13.09 -1.10
N CYS B 42 -20.90 -12.37 -2.02
CA CYS B 42 -21.28 -10.98 -2.28
C CYS B 42 -21.73 -10.80 -3.72
N SER B 43 -21.00 -11.41 -4.65
CA SER B 43 -21.16 -11.15 -6.07
C SER B 43 -22.17 -12.04 -6.77
N GLY B 44 -23.44 -11.86 -6.41
CA GLY B 44 -24.56 -12.52 -7.08
C GLY B 44 -24.85 -11.76 -8.37
N TRP B 45 -25.76 -12.26 -9.18
CA TRP B 45 -26.16 -11.55 -10.40
C TRP B 45 -26.66 -10.14 -10.16
N LYS B 46 -27.20 -9.88 -8.97
CA LYS B 46 -27.78 -8.56 -8.70
C LYS B 46 -26.67 -7.52 -8.65
N LEU B 47 -25.57 -7.85 -7.97
CA LEU B 47 -24.42 -6.97 -7.99
C LEU B 47 -23.77 -6.88 -9.40
N ALA B 48 -23.55 -8.02 -10.02
CA ALA B 48 -22.83 -8.06 -11.31
C ALA B 48 -23.62 -7.32 -12.38
N SER B 49 -24.92 -7.56 -12.48
CA SER B 49 -25.69 -6.88 -13.53
C SER B 49 -25.78 -5.37 -13.26
N ALA B 50 -25.83 -4.96 -11.99
CA ALA B 50 -25.94 -3.52 -11.70
C ALA B 50 -24.65 -2.76 -12.08
N VAL B 51 -23.50 -3.36 -11.77
CA VAL B 51 -22.23 -2.76 -12.20
C VAL B 51 -22.17 -2.68 -13.72
N SER B 52 -22.50 -3.79 -14.40
CA SER B 52 -22.46 -3.78 -15.90
C SER B 52 -23.44 -2.78 -16.52
N ASN B 53 -24.64 -2.67 -15.96
CA ASN B 53 -25.59 -1.66 -16.44
C ASN B 53 -25.15 -0.21 -16.17
N CSO B 54 -24.33 -0.01 -15.15
CA CSO B 54 -23.66 1.30 -14.95
CB CSO B 54 -23.31 1.59 -13.49
SG CSO B 54 -24.80 1.82 -12.49
C CSO B 54 -22.42 1.56 -15.79
O CSO B 54 -21.79 2.61 -15.61
OD CSO B 54 -25.53 3.41 -12.94
N GLY B 55 -22.08 0.68 -16.71
CA GLY B 55 -21.01 1.01 -17.67
C GLY B 55 -19.66 0.38 -17.31
N GLY B 56 -19.62 -0.36 -16.21
CA GLY B 56 -18.41 -1.12 -15.85
C GLY B 56 -18.52 -2.61 -16.17
N LEU B 57 -17.68 -3.42 -15.55
CA LEU B 57 -17.78 -4.88 -15.77
C LEU B 57 -18.11 -5.53 -14.42
N GLY B 58 -19.34 -6.04 -14.25
CA GLY B 58 -19.72 -6.72 -13.01
C GLY B 58 -19.28 -8.19 -13.12
N LEU B 59 -18.61 -8.70 -12.08
CA LEU B 59 -18.25 -10.12 -12.02
C LEU B 59 -19.16 -10.88 -11.10
N ILE B 60 -19.61 -12.05 -11.54
CA ILE B 60 -20.22 -13.03 -10.66
C ILE B 60 -19.13 -13.84 -9.93
N GLY B 61 -19.27 -14.04 -8.62
CA GLY B 61 -18.26 -14.75 -7.82
C GLY B 61 -18.59 -16.24 -7.72
N ALA B 62 -18.00 -17.07 -8.58
CA ALA B 62 -18.41 -18.47 -8.67
C ALA B 62 -17.93 -19.25 -7.47
N GLY B 63 -16.98 -18.69 -6.72
CA GLY B 63 -16.36 -19.38 -5.59
C GLY B 63 -17.36 -19.85 -4.55
N SER B 64 -18.48 -19.15 -4.42
CA SER B 64 -19.49 -19.51 -3.42
C SER B 64 -20.72 -20.21 -3.99
N MET B 65 -20.65 -20.65 -5.26
CA MET B 65 -21.82 -21.19 -5.95
C MET B 65 -21.61 -22.64 -6.41
N HIS B 66 -22.54 -23.52 -6.01
CA HIS B 66 -22.59 -24.84 -6.65
C HIS B 66 -22.91 -24.70 -8.13
N PRO B 67 -22.61 -25.74 -8.93
CA PRO B 67 -22.77 -25.53 -10.38
C PRO B 67 -24.18 -25.09 -10.87
N ASP B 68 -25.24 -25.70 -10.36
CA ASP B 68 -26.61 -25.28 -10.74
C ASP B 68 -26.90 -23.82 -10.35
N ASN B 69 -26.45 -23.43 -9.16
CA ASN B 69 -26.69 -22.07 -8.71
C ASN B 69 -25.89 -21.11 -9.60
N LEU B 70 -24.66 -21.50 -9.94
CA LEU B 70 -23.84 -20.66 -10.85
C LEU B 70 -24.54 -20.45 -12.22
N GLU B 71 -25.04 -21.54 -12.81
CA GLU B 71 -25.86 -21.43 -14.02
C GLU B 71 -27.07 -20.49 -13.88
N HIS B 72 -27.72 -20.56 -12.73
CA HIS B 72 -28.83 -19.63 -12.45
C HIS B 72 -28.40 -18.17 -12.42
N HIS B 73 -27.32 -17.88 -11.69
CA HIS B 73 -26.82 -16.52 -11.62
C HIS B 73 -26.35 -16.03 -12.96
N ILE B 74 -25.70 -16.87 -13.79
CA ILE B 74 -25.27 -16.39 -15.12
C ILE B 74 -26.51 -16.02 -15.98
N ARG B 75 -27.50 -16.88 -15.96
CA ARG B 75 -28.69 -16.63 -16.75
C ARG B 75 -29.52 -15.42 -16.30
N SER B 76 -29.67 -15.24 -14.99
CA SER B 76 -30.33 -14.02 -14.44
C SER B 76 -29.54 -12.70 -14.74
N CYS B 77 -28.22 -12.83 -14.72
CA CYS B 77 -27.37 -11.73 -15.12
C CYS B 77 -27.60 -11.33 -16.58
N LYS B 78 -27.61 -12.33 -17.48
CA LYS B 78 -27.81 -12.08 -18.91
C LYS B 78 -29.19 -11.50 -19.17
N ALA B 79 -30.17 -11.92 -18.37
CA ALA B 79 -31.52 -11.37 -18.52
C ALA B 79 -31.59 -9.95 -18.01
N ALA B 80 -30.67 -9.57 -17.12
CA ALA B 80 -30.76 -8.25 -16.44
C ALA B 80 -29.91 -7.16 -17.12
N THR B 81 -28.94 -7.59 -17.93
CA THR B 81 -28.08 -6.63 -18.63
C THR B 81 -27.75 -7.12 -20.04
N ASP B 82 -27.75 -6.21 -20.99
CA ASP B 82 -27.27 -6.53 -22.32
C ASP B 82 -25.78 -6.13 -22.47
N LYS B 83 -25.13 -5.74 -21.38
CA LYS B 83 -23.77 -5.27 -21.46
C LYS B 83 -22.80 -6.38 -21.01
N PRO B 84 -21.51 -6.19 -21.24
CA PRO B 84 -20.65 -7.32 -20.90
C PRO B 84 -20.62 -7.57 -19.39
N PHE B 85 -20.42 -8.83 -18.99
CA PHE B 85 -20.26 -9.16 -17.60
C PHE B 85 -19.27 -10.34 -17.54
N GLY B 86 -18.84 -10.73 -16.35
CA GLY B 86 -17.91 -11.82 -16.25
C GLY B 86 -18.17 -12.70 -15.08
N VAL B 87 -17.38 -13.77 -14.99
CA VAL B 87 -17.42 -14.66 -13.86
C VAL B 87 -16.00 -14.82 -13.29
N ASN B 88 -15.91 -14.70 -11.96
CA ASN B 88 -14.66 -14.94 -11.26
C ASN B 88 -14.63 -16.41 -10.82
N VAL B 89 -13.55 -17.12 -11.14
CA VAL B 89 -13.43 -18.52 -10.71
C VAL B 89 -12.08 -18.72 -9.94
N PRO B 90 -12.12 -18.91 -8.60
CA PRO B 90 -10.89 -19.35 -7.91
C PRO B 90 -10.57 -20.77 -8.36
N LEU B 91 -9.34 -21.03 -8.78
CA LEU B 91 -9.04 -22.30 -9.46
C LEU B 91 -9.01 -23.52 -8.54
N LEU B 92 -9.13 -23.30 -7.23
CA LEU B 92 -9.32 -24.37 -6.25
C LEU B 92 -10.78 -24.85 -6.19
N TYR B 93 -11.60 -24.42 -7.14
CA TYR B 93 -13.05 -24.68 -7.09
C TYR B 93 -13.21 -26.21 -7.17
N PRO B 94 -14.05 -26.80 -6.28
CA PRO B 94 -14.05 -28.28 -6.23
C PRO B 94 -14.63 -29.03 -7.45
N GLU B 95 -15.59 -28.47 -8.16
CA GLU B 95 -16.17 -29.18 -9.33
C GLU B 95 -15.89 -28.37 -10.57
N MET B 96 -14.60 -28.29 -10.88
CA MET B 96 -14.13 -27.35 -11.86
C MET B 96 -14.62 -27.70 -13.26
N ASP B 97 -14.68 -28.99 -13.59
CA ASP B 97 -15.14 -29.41 -14.91
C ASP B 97 -16.59 -28.98 -15.16
N LYS B 98 -17.44 -29.14 -14.14
CA LYS B 98 -18.84 -28.77 -14.27
C LYS B 98 -18.98 -27.26 -14.50
N ILE B 99 -18.28 -26.45 -13.72
CA ILE B 99 -18.47 -25.00 -13.90
C ILE B 99 -17.83 -24.42 -15.15
N MET B 100 -16.71 -24.97 -15.61
CA MET B 100 -16.21 -24.53 -16.91
C MET B 100 -17.14 -24.91 -18.04
N GLU B 101 -17.75 -26.08 -17.97
CA GLU B 101 -18.73 -26.44 -18.99
C GLU B 101 -19.84 -25.40 -19.03
N ILE B 102 -20.35 -25.04 -17.85
CA ILE B 102 -21.40 -24.03 -17.75
C ILE B 102 -20.91 -22.70 -18.33
N ILE B 103 -19.73 -22.25 -17.90
CA ILE B 103 -19.20 -20.94 -18.35
C ILE B 103 -19.02 -20.90 -19.88
N MET B 104 -18.47 -21.97 -20.42
CA MET B 104 -18.30 -22.07 -21.87
C MET B 104 -19.63 -22.12 -22.63
N ARG B 105 -20.57 -22.95 -22.20
CA ARG B 105 -21.88 -23.03 -22.86
C ARG B 105 -22.61 -21.70 -22.85
N GLU B 106 -22.58 -21.00 -21.72
CA GLU B 106 -23.22 -19.69 -21.61
C GLU B 106 -22.45 -18.58 -22.31
N HIS B 107 -21.26 -18.87 -22.83
CA HIS B 107 -20.41 -17.86 -23.53
C HIS B 107 -20.19 -16.60 -22.68
N VAL B 108 -19.71 -16.78 -21.47
CA VAL B 108 -19.54 -15.65 -20.55
C VAL B 108 -18.48 -14.77 -21.21
N PRO B 109 -18.71 -13.45 -21.31
CA PRO B 109 -17.79 -12.63 -22.11
C PRO B 109 -16.37 -12.58 -21.50
N VAL B 110 -16.28 -12.48 -20.17
CA VAL B 110 -14.99 -12.35 -19.49
C VAL B 110 -14.90 -13.36 -18.35
N VAL B 111 -13.78 -14.09 -18.27
CA VAL B 111 -13.56 -14.97 -17.11
C VAL B 111 -12.28 -14.56 -16.40
N VAL B 112 -12.39 -14.33 -15.09
CA VAL B 112 -11.30 -13.92 -14.27
C VAL B 112 -10.94 -15.10 -13.39
N THR B 113 -9.73 -15.60 -13.54
CA THR B 113 -9.27 -16.72 -12.75
C THR B 113 -8.30 -16.25 -11.66
N SER B 114 -8.28 -16.96 -10.55
CA SER B 114 -7.37 -16.61 -9.45
C SER B 114 -6.97 -17.88 -8.72
N ALA B 115 -5.91 -17.79 -7.92
CA ALA B 115 -5.54 -18.87 -7.00
C ALA B 115 -5.28 -20.19 -7.71
N GLY B 116 -4.40 -20.17 -8.70
CA GLY B 116 -4.09 -21.38 -9.42
C GLY B 116 -3.35 -21.03 -10.69
N SER B 117 -3.06 -22.02 -11.51
CA SER B 117 -2.23 -21.79 -12.67
C SER B 117 -3.06 -21.26 -13.82
N PRO B 118 -2.63 -20.17 -14.48
CA PRO B 118 -3.39 -19.74 -15.68
C PRO B 118 -3.20 -20.66 -16.91
N LYS B 119 -2.31 -21.64 -16.84
CA LYS B 119 -2.05 -22.53 -18.00
C LYS B 119 -3.16 -23.57 -18.16
N VAL B 120 -3.87 -23.88 -17.07
CA VAL B 120 -4.84 -24.99 -17.13
C VAL B 120 -6.00 -24.68 -18.06
N TRP B 121 -6.57 -23.49 -17.91
CA TRP B 121 -7.82 -23.20 -18.58
C TRP B 121 -7.77 -22.10 -19.62
N THR B 122 -6.73 -21.26 -19.60
CA THR B 122 -6.74 -20.08 -20.48
C THR B 122 -7.01 -20.43 -21.96
N ALA B 123 -6.27 -21.40 -22.51
CA ALA B 123 -6.37 -21.62 -23.99
C ALA B 123 -7.81 -22.06 -24.33
N LYS B 124 -8.39 -22.92 -23.49
CA LYS B 124 -9.75 -23.38 -23.68
C LYS B 124 -10.85 -22.32 -23.59
N LEU B 125 -10.76 -21.47 -22.57
CA LEU B 125 -11.67 -20.33 -22.43
C LEU B 125 -11.57 -19.41 -23.64
N LYS B 126 -10.35 -19.15 -24.11
CA LYS B 126 -10.18 -18.25 -25.24
C LYS B 126 -10.75 -18.88 -26.52
N ALA B 127 -10.52 -20.18 -26.68
CA ALA B 127 -11.07 -20.91 -27.81
C ALA B 127 -12.59 -20.88 -27.75
N ALA B 128 -13.17 -20.86 -26.56
CA ALA B 128 -14.62 -20.77 -26.44
C ALA B 128 -15.21 -19.35 -26.50
N GLY B 129 -14.36 -18.36 -26.80
CA GLY B 129 -14.85 -16.99 -26.98
C GLY B 129 -14.80 -16.05 -25.74
N SER B 130 -14.21 -16.50 -24.63
CA SER B 130 -14.10 -15.62 -23.46
C SER B 130 -12.82 -14.82 -23.46
N LYS B 131 -12.85 -13.60 -22.94
CA LYS B 131 -11.62 -12.90 -22.59
C LYS B 131 -11.14 -13.47 -21.25
N VAL B 132 -9.82 -13.69 -21.09
CA VAL B 132 -9.33 -14.29 -19.87
C VAL B 132 -8.41 -13.33 -19.13
N ILE B 133 -8.66 -13.16 -17.85
CA ILE B 133 -7.85 -12.29 -16.99
C ILE B 133 -7.47 -13.12 -15.78
N HIS B 134 -6.22 -13.01 -15.36
CA HIS B 134 -5.77 -13.81 -14.20
C HIS B 134 -5.33 -12.84 -13.10
N VAL B 135 -5.61 -13.17 -11.86
CA VAL B 135 -5.20 -12.33 -10.73
C VAL B 135 -3.81 -12.72 -10.23
N VAL B 136 -2.93 -11.72 -10.09
CA VAL B 136 -1.57 -11.95 -9.62
C VAL B 136 -1.18 -10.99 -8.51
N SER B 137 -0.12 -11.33 -7.80
CA SER B 137 0.34 -10.47 -6.74
C SER B 137 1.88 -10.18 -6.86
N SER B 138 2.47 -10.42 -8.03
CA SER B 138 3.88 -10.09 -8.22
C SER B 138 4.10 -9.89 -9.69
N ALA B 139 5.17 -9.19 -10.01
CA ALA B 139 5.56 -9.00 -11.41
C ALA B 139 5.99 -10.32 -12.04
N THR B 140 6.67 -11.17 -11.28
CA THR B 140 7.04 -12.50 -11.77
C THR B 140 5.82 -13.30 -12.21
N PHE B 141 4.78 -13.38 -11.38
CA PHE B 141 3.56 -14.04 -11.80
C PHE B 141 2.79 -13.32 -12.89
N ALA B 142 2.87 -11.99 -12.94
CA ALA B 142 2.25 -11.27 -14.06
C ALA B 142 2.86 -11.82 -15.35
N ARG B 143 4.18 -11.92 -15.37
CA ARG B 143 4.87 -12.41 -16.58
C ARG B 143 4.50 -13.85 -16.92
N LYS B 144 4.32 -14.69 -15.90
CA LYS B 144 3.94 -16.09 -16.18
C LYS B 144 2.55 -16.13 -16.75
N SER B 145 1.66 -15.26 -16.25
CA SER B 145 0.30 -15.23 -16.80
C SER B 145 0.33 -14.72 -18.25
N GLU B 146 1.11 -13.68 -18.52
CA GLU B 146 1.25 -13.18 -19.88
C GLU B 146 1.77 -14.30 -20.82
N ALA B 147 2.66 -15.13 -20.31
CA ALA B 147 3.24 -16.24 -21.12
C ALA B 147 2.19 -17.32 -21.36
N ALA B 148 1.24 -17.42 -20.44
CA ALA B 148 0.16 -18.37 -20.56
C ALA B 148 -0.92 -17.90 -21.56
N GLY B 149 -0.81 -16.66 -22.06
CA GLY B 149 -1.70 -16.21 -23.13
C GLY B 149 -2.95 -15.48 -22.62
N VAL B 150 -2.96 -15.06 -21.34
CA VAL B 150 -4.12 -14.32 -20.83
C VAL B 150 -4.24 -12.98 -21.55
N ASP B 151 -5.46 -12.43 -21.58
CA ASP B 151 -5.71 -11.16 -22.24
C ASP B 151 -5.30 -9.93 -21.39
N ALA B 152 -5.36 -10.07 -20.06
CA ALA B 152 -5.03 -8.98 -19.15
C ALA B 152 -4.78 -9.59 -17.78
N ILE B 153 -4.22 -8.82 -16.87
CA ILE B 153 -4.10 -9.31 -15.49
C ILE B 153 -4.66 -8.29 -14.51
N VAL B 154 -5.07 -8.79 -13.35
CA VAL B 154 -5.39 -7.95 -12.19
C VAL B 154 -4.20 -8.10 -11.23
N ALA B 155 -3.62 -6.99 -10.83
CA ALA B 155 -2.51 -7.02 -9.89
C ALA B 155 -3.05 -6.54 -8.53
N GLU B 156 -3.06 -7.44 -7.54
CA GLU B 156 -3.77 -7.22 -6.28
C GLU B 156 -2.80 -6.95 -5.11
N GLY B 157 -2.94 -5.79 -4.48
CA GLY B 157 -2.05 -5.39 -3.41
C GLY B 157 -2.50 -5.89 -2.05
N PHE B 158 -1.58 -5.80 -1.10
CA PHE B 158 -1.69 -6.19 0.31
C PHE B 158 -2.96 -5.68 0.98
N GLU B 159 -3.36 -4.45 0.64
CA GLU B 159 -4.52 -3.82 1.30
C GLU B 159 -5.88 -4.42 0.89
N ALA B 160 -5.89 -5.23 -0.17
CA ALA B 160 -7.12 -5.84 -0.68
C ALA B 160 -7.79 -6.74 0.37
N GLY B 161 -9.09 -6.93 0.25
CA GLY B 161 -9.81 -7.90 1.10
C GLY B 161 -9.58 -9.30 0.59
N GLY B 162 -9.66 -10.27 1.51
CA GLY B 162 -9.60 -11.70 1.14
C GLY B 162 -8.19 -12.24 1.02
N HIS B 163 -8.01 -13.31 0.23
CA HIS B 163 -6.71 -13.99 0.16
C HIS B 163 -5.76 -13.15 -0.67
N ASN B 164 -4.59 -12.81 -0.11
CA ASN B 164 -3.60 -11.97 -0.79
C ASN B 164 -2.25 -12.68 -0.98
N GLY B 165 -1.35 -12.08 -1.79
CA GLY B 165 -0.02 -12.69 -2.02
C GLY B 165 0.90 -12.66 -0.81
N ARG B 166 1.75 -13.69 -0.69
CA ARG B 166 2.67 -13.81 0.45
C ARG B 166 3.77 -12.76 0.43
N GLU B 167 4.01 -12.08 -0.71
CA GLU B 167 5.07 -11.06 -0.74
C GLU B 167 4.65 -9.79 0.04
N GLU B 168 3.34 -9.64 0.25
CA GLU B 168 2.77 -8.50 0.96
C GLU B 168 3.05 -7.17 0.26
N THR B 169 3.25 -7.21 -1.06
CA THR B 169 3.53 -5.95 -1.80
C THR B 169 2.26 -5.07 -1.85
N THR B 170 2.41 -3.77 -1.56
CA THR B 170 1.21 -2.89 -1.53
C THR B 170 0.85 -2.52 -2.96
N THR B 171 -0.35 -1.99 -3.17
CA THR B 171 -0.76 -1.60 -4.51
C THR B 171 0.19 -0.52 -5.13
N LEU B 172 0.60 0.44 -4.30
CA LEU B 172 1.50 1.51 -4.74
C LEU B 172 2.85 0.96 -5.22
N CYS B 173 3.33 -0.11 -4.58
CA CYS B 173 4.61 -0.68 -4.99
C CYS B 173 4.44 -1.72 -6.08
N LEU B 174 3.27 -2.35 -6.17
CA LEU B 174 3.09 -3.49 -7.10
C LEU B 174 2.78 -2.94 -8.51
N ILE B 175 1.91 -1.96 -8.60
CA ILE B 175 1.46 -1.54 -9.95
C ILE B 175 2.61 -1.08 -10.88
N PRO B 176 3.50 -0.18 -10.42
CA PRO B 176 4.48 0.24 -11.46
C PRO B 176 5.46 -0.89 -11.82
N GLU B 177 5.71 -1.83 -10.91
CA GLU B 177 6.51 -2.99 -11.26
C GLU B 177 5.82 -3.94 -12.23
N VAL B 178 4.54 -4.20 -12.00
CA VAL B 178 3.83 -5.11 -12.88
C VAL B 178 3.70 -4.46 -14.25
N VAL B 179 3.34 -3.18 -14.28
CA VAL B 179 3.12 -2.50 -15.55
C VAL B 179 4.43 -2.46 -16.38
N ASP B 180 5.57 -2.33 -15.71
CA ASP B 180 6.86 -2.35 -16.43
C ASP B 180 7.22 -3.73 -16.94
N ALA B 181 6.64 -4.76 -16.35
CA ALA B 181 7.03 -6.16 -16.60
C ALA B 181 6.24 -6.80 -17.74
N VAL B 182 5.06 -6.29 -18.07
CA VAL B 182 4.26 -6.95 -19.12
C VAL B 182 3.79 -5.95 -20.18
N ASN B 183 3.39 -6.46 -21.35
CA ASN B 183 2.79 -5.61 -22.38
C ASN B 183 1.26 -5.65 -22.38
N ILE B 184 0.68 -6.65 -21.76
CA ILE B 184 -0.80 -6.71 -21.71
C ILE B 184 -1.41 -5.68 -20.70
N PRO B 185 -2.72 -5.38 -20.81
CA PRO B 185 -3.32 -4.43 -19.85
C PRO B 185 -3.31 -4.94 -18.42
N VAL B 186 -3.25 -3.99 -17.48
CA VAL B 186 -3.13 -4.29 -16.07
C VAL B 186 -4.27 -3.55 -15.33
N VAL B 187 -5.00 -4.32 -14.51
CA VAL B 187 -6.05 -3.78 -13.67
C VAL B 187 -5.52 -3.76 -12.24
N ALA B 188 -5.57 -2.61 -11.59
CA ALA B 188 -5.14 -2.53 -10.19
C ALA B 188 -6.29 -2.90 -9.24
N ALA B 189 -5.99 -3.70 -8.23
CA ALA B 189 -6.96 -4.09 -7.20
C ALA B 189 -6.31 -3.94 -5.86
N GLY B 190 -7.11 -3.51 -4.88
CA GLY B 190 -6.60 -3.41 -3.50
C GLY B 190 -6.53 -1.93 -3.14
N GLY B 191 -7.47 -1.50 -2.30
CA GLY B 191 -7.44 -0.12 -1.82
C GLY B 191 -8.21 0.86 -2.70
N ILE B 192 -8.88 0.38 -3.76
CA ILE B 192 -9.58 1.33 -4.65
C ILE B 192 -11.04 1.53 -4.20
N ALA B 193 -11.31 2.65 -3.52
CA ALA B 193 -12.66 2.87 -2.94
C ALA B 193 -13.15 4.33 -3.16
N SER B 194 -12.42 5.07 -3.99
CA SER B 194 -12.70 6.48 -4.22
C SER B 194 -12.15 6.83 -5.58
N GLY B 195 -12.64 7.91 -6.14
CA GLY B 195 -12.06 8.43 -7.41
C GLY B 195 -10.61 8.82 -7.30
N ARG B 196 -10.20 9.32 -6.15
CA ARG B 196 -8.79 9.67 -5.90
C ARG B 196 -7.90 8.41 -6.02
N ALA B 197 -8.38 7.27 -5.55
CA ALA B 197 -7.57 6.01 -5.69
C ALA B 197 -7.60 5.51 -7.12
N VAL B 198 -8.73 5.73 -7.84
CA VAL B 198 -8.74 5.36 -9.27
C VAL B 198 -7.70 6.22 -9.97
N ALA B 199 -7.64 7.52 -9.62
CA ALA B 199 -6.67 8.39 -10.29
C ALA B 199 -5.27 7.91 -9.92
N ALA B 200 -5.04 7.53 -8.65
CA ALA B 200 -3.73 7.01 -8.23
C ALA B 200 -3.31 5.76 -9.04
N ALA B 201 -4.22 4.81 -9.20
CA ALA B 201 -3.93 3.56 -9.99
C ALA B 201 -3.53 3.90 -11.41
N LEU B 202 -4.29 4.81 -12.05
CA LEU B 202 -4.01 5.18 -13.44
C LEU B 202 -2.67 5.94 -13.51
N ALA B 203 -2.35 6.75 -12.50
CA ALA B 203 -1.08 7.45 -12.47
C ALA B 203 0.09 6.46 -12.43
N LEU B 204 -0.06 5.37 -11.64
CA LEU B 204 0.96 4.32 -11.61
C LEU B 204 1.12 3.52 -12.91
N GLY B 205 0.16 3.67 -13.83
CA GLY B 205 0.25 3.02 -15.15
C GLY B 205 -0.76 1.92 -15.40
N ALA B 206 -1.62 1.66 -14.43
CA ALA B 206 -2.73 0.76 -14.68
C ALA B 206 -3.72 1.31 -15.69
N ASP B 207 -4.35 0.37 -16.38
CA ASP B 207 -5.38 0.72 -17.33
C ASP B 207 -6.76 0.80 -16.69
N ALA B 208 -6.96 0.07 -15.57
CA ALA B 208 -8.32 0.00 -15.01
C ALA B 208 -8.22 -0.38 -13.54
N VAL B 209 -9.34 -0.37 -12.84
CA VAL B 209 -9.30 -0.77 -11.46
C VAL B 209 -10.35 -1.88 -11.24
N GLN B 210 -10.09 -2.70 -10.23
CA GLN B 210 -11.10 -3.62 -9.73
C GLN B 210 -11.41 -3.20 -8.29
N VAL B 211 -12.69 -3.04 -8.00
CA VAL B 211 -13.17 -2.52 -6.73
C VAL B 211 -13.91 -3.67 -6.04
N GLY B 212 -13.46 -4.08 -4.86
CA GLY B 212 -14.10 -5.21 -4.15
C GLY B 212 -14.88 -4.70 -2.95
N THR B 213 -14.14 -4.26 -1.92
CA THR B 213 -14.72 -3.85 -0.65
C THR B 213 -15.90 -2.88 -0.82
N ARG B 214 -15.72 -1.82 -1.59
CA ARG B 214 -16.83 -0.88 -1.68
C ARG B 214 -18.10 -1.48 -2.30
N PHE B 215 -17.93 -2.31 -3.34
CA PHE B 215 -19.09 -3.05 -3.89
C PHE B 215 -19.62 -4.17 -2.95
N ALA B 216 -18.76 -4.75 -2.12
CA ALA B 216 -19.22 -5.83 -1.20
C ALA B 216 -20.20 -5.24 -0.18
N LEU B 217 -20.01 -3.96 0.13
CA LEU B 217 -20.88 -3.23 1.07
C LEU B 217 -22.06 -2.49 0.43
N SER B 218 -22.19 -2.57 -0.90
CA SER B 218 -23.34 -2.00 -1.59
C SER B 218 -24.67 -2.69 -1.32
N GLU B 219 -25.72 -1.96 -1.61
CA GLU B 219 -27.09 -2.47 -1.53
C GLU B 219 -27.28 -3.78 -2.31
N GLU B 220 -26.76 -3.82 -3.52
CA GLU B 220 -26.93 -4.97 -4.42
C GLU B 220 -26.11 -6.20 -3.99
N SER B 221 -25.06 -6.00 -3.19
CA SER B 221 -24.24 -7.16 -2.73
C SER B 221 -25.09 -8.20 -1.96
N SER B 222 -24.78 -9.49 -2.17
CA SER B 222 -25.51 -10.58 -1.50
C SER B 222 -25.11 -10.79 -0.05
N ALA B 223 -24.08 -10.08 0.43
CA ALA B 223 -23.62 -10.27 1.81
C ALA B 223 -24.71 -9.92 2.81
N HIS B 224 -24.60 -10.48 4.00
CA HIS B 224 -25.63 -10.28 5.02
C HIS B 224 -25.63 -8.81 5.49
N GLU B 225 -26.83 -8.24 5.74
CA GLU B 225 -26.90 -6.87 6.26
C GLU B 225 -26.08 -6.64 7.54
N ASP B 226 -25.96 -7.63 8.43
CA ASP B 226 -25.18 -7.44 9.65
C ASP B 226 -23.68 -7.35 9.33
N PHE B 227 -23.26 -8.08 8.32
CA PHE B 227 -21.87 -7.99 7.90
C PHE B 227 -21.62 -6.61 7.31
N LYS B 228 -22.53 -6.12 6.48
CA LYS B 228 -22.28 -4.81 5.87
C LYS B 228 -22.28 -3.72 6.97
N ALA B 229 -23.26 -3.77 7.89
CA ALA B 229 -23.34 -2.77 8.95
C ALA B 229 -22.11 -2.83 9.83
N HIS B 230 -21.67 -4.04 10.13
CA HIS B 230 -20.45 -4.21 10.93
C HIS B 230 -19.16 -3.64 10.29
N CYS B 231 -18.96 -3.92 9.00
CA CYS B 231 -17.88 -3.30 8.25
C CYS B 231 -17.93 -1.77 8.26
N ARG B 232 -19.13 -1.23 8.15
CA ARG B 232 -19.29 0.24 8.14
C ARG B 232 -18.86 0.89 9.46
N ARG B 233 -18.94 0.15 10.58
N ARG B 233 -18.93 0.16 10.57
CA ARG B 233 -18.54 0.72 11.86
CA ARG B 233 -18.53 0.72 11.87
C ARG B 233 -17.04 0.66 12.08
C ARG B 233 -17.07 0.46 12.22
N SER B 234 -16.34 -0.17 11.31
CA SER B 234 -14.93 -0.43 11.59
C SER B 234 -14.07 0.77 11.19
N VAL B 235 -12.91 0.89 11.84
CA VAL B 235 -12.04 2.04 11.72
C VAL B 235 -10.66 1.57 11.31
N GLU B 236 -9.77 2.50 10.99
CA GLU B 236 -8.46 2.17 10.47
C GLU B 236 -7.77 1.25 11.45
N GLY B 237 -7.07 0.25 10.92
CA GLY B 237 -6.38 -0.72 11.77
C GLY B 237 -7.24 -1.91 12.15
N ASP B 238 -8.52 -1.92 11.79
CA ASP B 238 -9.41 -3.04 12.18
C ASP B 238 -9.24 -4.29 11.35
N THR B 239 -8.57 -4.19 10.19
CA THR B 239 -8.25 -5.40 9.41
C THR B 239 -6.80 -5.80 9.59
N MET B 240 -6.53 -7.06 9.31
CA MET B 240 -5.18 -7.57 9.44
C MET B 240 -4.99 -8.71 8.46
N LEU B 241 -3.87 -8.70 7.75
CA LEU B 241 -3.52 -9.86 6.93
C LEU B 241 -3.07 -10.96 7.90
N SER B 242 -3.80 -12.07 7.89
CA SER B 242 -3.65 -13.08 8.91
C SER B 242 -3.59 -14.50 8.33
N LEU B 243 -3.51 -15.52 9.20
CA LEU B 243 -3.38 -16.93 8.75
C LEU B 243 -2.23 -17.15 7.77
N LYS B 244 -1.14 -16.42 7.95
CA LYS B 244 -0.15 -16.41 6.90
C LYS B 244 0.51 -17.78 6.72
N ALA B 245 0.58 -18.60 7.76
CA ALA B 245 1.21 -19.88 7.60
C ALA B 245 0.32 -20.85 6.80
N VAL B 246 -0.97 -20.54 6.72
CA VAL B 246 -1.90 -21.36 5.97
C VAL B 246 -2.15 -20.77 4.58
N SER B 247 -2.80 -19.62 4.51
CA SER B 247 -2.96 -18.86 3.26
C SER B 247 -3.30 -17.43 3.69
N PRO B 248 -2.42 -16.45 3.35
CA PRO B 248 -2.64 -15.12 3.88
C PRO B 248 -4.01 -14.59 3.50
N THR B 249 -4.73 -14.08 4.49
CA THR B 249 -6.08 -13.59 4.25
C THR B 249 -6.32 -12.32 5.06
N ARG B 250 -6.84 -11.27 4.43
CA ARG B 250 -7.09 -10.02 5.14
C ARG B 250 -8.53 -10.05 5.66
N LEU B 251 -8.68 -9.95 6.97
CA LEU B 251 -10.03 -9.94 7.54
C LEU B 251 -10.12 -9.01 8.74
N LEU B 252 -11.35 -8.75 9.16
CA LEU B 252 -11.59 -7.96 10.35
C LEU B 252 -11.11 -8.71 11.58
N LYS B 253 -10.57 -7.95 12.50
CA LYS B 253 -10.08 -8.53 13.74
C LYS B 253 -11.19 -8.90 14.73
N ASN B 254 -11.93 -9.94 14.41
CA ASN B 254 -13.03 -10.37 15.26
C ASN B 254 -12.61 -11.49 16.21
N LYS B 255 -13.57 -12.13 16.84
CA LYS B 255 -13.20 -13.18 17.78
C LYS B 255 -12.41 -14.32 17.13
N PHE B 256 -12.84 -14.76 15.94
CA PHE B 256 -12.05 -15.74 15.20
C PHE B 256 -10.59 -15.30 15.01
N TYR B 257 -10.38 -14.07 14.55
CA TYR B 257 -9.05 -13.53 14.40
C TYR B 257 -8.28 -13.62 15.73
N GLN B 258 -8.93 -13.24 16.81
CA GLN B 258 -8.18 -13.25 18.09
C GLN B 258 -7.75 -14.66 18.47
N ASP B 259 -8.56 -15.67 18.13
CA ASP B 259 -8.17 -17.05 18.38
C ASP B 259 -6.92 -17.43 17.56
N VAL B 260 -6.93 -17.06 16.28
CA VAL B 260 -5.79 -17.29 15.41
C VAL B 260 -4.54 -16.57 15.96
N PHE B 261 -4.67 -15.28 16.22
CA PHE B 261 -3.54 -14.51 16.80
C PHE B 261 -2.96 -15.17 18.09
N ALA B 262 -3.83 -15.59 19.00
CA ALA B 262 -3.33 -16.24 20.25
C ALA B 262 -2.55 -17.51 19.95
N ALA B 263 -3.02 -18.26 18.95
CA ALA B 263 -2.37 -19.53 18.61
C ALA B 263 -1.00 -19.24 17.93
N GLU B 264 -0.98 -18.27 17.01
CA GLU B 264 0.31 -17.86 16.39
C GLU B 264 1.28 -17.41 17.47
N GLN B 265 0.81 -16.65 18.46
CA GLN B 265 1.73 -16.21 19.57
C GLN B 265 2.31 -17.38 20.38
N ARG B 266 1.59 -18.48 20.51
N ARG B 266 1.55 -18.47 20.49
CA ARG B 266 2.11 -19.64 21.24
CA ARG B 266 1.96 -19.71 21.17
C ARG B 266 2.86 -20.64 20.34
C ARG B 266 2.95 -20.58 20.38
N GLY B 267 3.12 -20.27 19.09
CA GLY B 267 3.91 -21.15 18.20
C GLY B 267 3.11 -22.31 17.61
N ALA B 268 1.81 -22.14 17.43
CA ALA B 268 0.98 -23.19 16.83
C ALA B 268 1.57 -23.68 15.52
N SER B 269 1.49 -25.00 15.29
CA SER B 269 1.86 -25.54 13.99
C SER B 269 0.80 -25.15 12.92
N VAL B 270 1.18 -25.31 11.65
CA VAL B 270 0.26 -25.21 10.54
C VAL B 270 -1.02 -26.08 10.71
N GLU B 271 -0.87 -27.30 11.18
CA GLU B 271 -2.03 -28.19 11.37
C GLU B 271 -2.92 -27.62 12.45
N GLU B 272 -2.35 -27.09 13.54
CA GLU B 272 -3.21 -26.49 14.57
C GLU B 272 -4.01 -25.34 13.98
N LEU B 273 -3.34 -24.48 13.20
CA LEU B 273 -4.03 -23.36 12.54
C LEU B 273 -5.08 -23.78 11.53
N ARG B 274 -4.79 -24.84 10.76
CA ARG B 274 -5.86 -25.38 9.84
C ARG B 274 -7.08 -25.88 10.58
N GLU B 275 -6.83 -26.58 11.69
CA GLU B 275 -7.90 -27.10 12.54
C GLU B 275 -8.76 -25.94 13.00
N LEU B 276 -8.13 -24.87 13.47
CA LEU B 276 -8.86 -23.72 13.95
C LEU B 276 -9.67 -23.06 12.84
N LEU B 277 -9.00 -22.83 11.70
CA LEU B 277 -9.70 -22.32 10.54
C LEU B 277 -10.96 -23.14 10.23
N GLY B 278 -10.83 -24.47 10.18
CA GLY B 278 -12.01 -25.32 9.93
C GLY B 278 -12.55 -25.08 8.53
N ARG B 279 -13.87 -25.08 8.38
CA ARG B 279 -14.49 -24.99 7.06
C ARG B 279 -15.74 -24.14 7.18
N GLY B 280 -15.98 -23.31 6.16
CA GLY B 280 -17.25 -22.58 6.05
C GLY B 280 -17.32 -21.30 6.86
N ARG B 281 -16.20 -20.85 7.43
CA ARG B 281 -16.26 -19.62 8.21
C ARG B 281 -16.53 -18.39 7.35
N ALA B 282 -15.99 -18.36 6.13
CA ALA B 282 -16.28 -17.23 5.22
C ALA B 282 -17.80 -17.13 4.90
N LYS B 283 -18.43 -18.28 4.61
CA LYS B 283 -19.89 -18.24 4.42
C LYS B 283 -20.58 -17.81 5.71
N GLN B 284 -20.19 -18.39 6.84
CA GLN B 284 -20.90 -18.03 8.06
C GLN B 284 -20.83 -16.52 8.35
N GLY B 285 -19.64 -15.93 8.21
CA GLY B 285 -19.47 -14.47 8.42
C GLY B 285 -20.12 -13.57 7.35
N ILE B 286 -19.74 -13.77 6.09
CA ILE B 286 -20.09 -12.80 5.05
C ILE B 286 -21.54 -13.00 4.62
N PHE B 287 -21.93 -14.27 4.48
CA PHE B 287 -23.27 -14.60 3.97
C PHE B 287 -24.33 -14.71 5.07
N GLU B 288 -23.95 -15.17 6.26
CA GLU B 288 -24.94 -15.42 7.29
C GLU B 288 -24.82 -14.45 8.43
N GLY B 289 -23.83 -13.56 8.38
CA GLY B 289 -23.71 -12.50 9.40
C GLY B 289 -23.26 -12.97 10.78
N ASP B 290 -22.50 -14.08 10.83
CA ASP B 290 -21.88 -14.56 12.08
C ASP B 290 -20.62 -13.75 12.34
N LEU B 291 -20.76 -12.72 13.15
CA LEU B 291 -19.74 -11.71 13.26
C LEU B 291 -18.64 -12.18 14.20
N HIS B 292 -18.88 -13.29 14.90
CA HIS B 292 -17.97 -13.76 15.94
C HIS B 292 -17.07 -14.89 15.43
N GLU B 293 -17.68 -15.89 14.82
CA GLU B 293 -16.96 -17.04 14.28
C GLU B 293 -16.69 -16.94 12.78
N GLY B 294 -17.27 -15.93 12.10
CA GLY B 294 -17.02 -15.80 10.69
C GLY B 294 -15.62 -15.32 10.36
N GLU B 295 -15.22 -15.62 9.14
CA GLU B 295 -14.00 -15.05 8.55
C GLU B 295 -14.48 -13.83 7.78
N LEU B 296 -14.32 -12.65 8.40
CA LEU B 296 -14.85 -11.38 7.83
C LEU B 296 -13.87 -10.74 6.84
N GLU B 297 -13.81 -11.30 5.64
CA GLU B 297 -12.86 -10.80 4.60
C GLU B 297 -13.25 -9.42 4.11
N ILE B 298 -12.34 -8.46 4.20
CA ILE B 298 -12.69 -7.11 3.76
C ILE B 298 -11.38 -6.30 3.67
N GLY B 299 -11.32 -5.30 2.81
CA GLY B 299 -10.06 -4.62 2.60
C GLY B 299 -9.86 -3.46 3.55
N GLN B 300 -8.59 -3.01 3.65
CA GLN B 300 -8.27 -1.87 4.50
C GLN B 300 -9.13 -0.65 4.20
N ALA B 301 -9.55 -0.51 2.94
CA ALA B 301 -10.36 0.64 2.53
C ALA B 301 -11.76 0.71 3.19
N VAL B 302 -12.11 -0.35 3.91
CA VAL B 302 -13.40 -0.43 4.64
C VAL B 302 -13.57 0.79 5.54
N SER B 303 -12.48 1.35 6.02
CA SER B 303 -12.57 2.43 6.97
C SER B 303 -13.02 3.75 6.32
N GLN B 304 -13.01 3.81 4.98
CA GLN B 304 -13.53 4.97 4.23
C GLN B 304 -15.05 4.92 3.98
N ILE B 305 -15.70 3.80 4.28
CA ILE B 305 -17.13 3.66 3.98
C ILE B 305 -18.00 3.86 5.23
N SER B 306 -18.91 4.82 5.18
CA SER B 306 -19.62 5.14 6.42
C SER B 306 -21.09 4.83 6.35
N HIS B 307 -21.63 4.75 5.13
CA HIS B 307 -23.06 4.49 5.08
C HIS B 307 -23.43 3.67 3.89
N ALA B 308 -24.63 3.11 3.94
CA ALA B 308 -25.20 2.30 2.85
C ALA B 308 -25.29 3.11 1.54
N GLU B 309 -25.09 2.45 0.40
CA GLU B 309 -25.15 3.13 -0.90
C GLU B 309 -25.36 2.09 -1.98
N THR B 310 -25.91 2.51 -3.12
CA THR B 310 -26.18 1.63 -4.23
C THR B 310 -24.94 1.58 -5.15
N VAL B 311 -24.92 0.59 -6.05
CA VAL B 311 -23.92 0.52 -7.10
C VAL B 311 -23.93 1.83 -7.94
N ALA B 312 -25.11 2.32 -8.34
CA ALA B 312 -25.20 3.56 -9.13
C ALA B 312 -24.56 4.74 -8.42
N GLU B 313 -24.85 4.88 -7.13
CA GLU B 313 -24.22 5.92 -6.34
C GLU B 313 -22.69 5.79 -6.25
N ILE B 314 -22.21 4.55 -6.09
CA ILE B 314 -20.77 4.30 -6.05
C ILE B 314 -20.12 4.69 -7.39
N MET B 315 -20.73 4.24 -8.49
CA MET B 315 -20.17 4.43 -9.83
C MET B 315 -20.08 5.93 -10.15
N VAL B 316 -21.11 6.67 -9.78
CA VAL B 316 -21.13 8.10 -10.02
C VAL B 316 -20.04 8.79 -9.20
N ASP B 317 -19.87 8.38 -7.94
CA ASP B 317 -18.87 8.95 -7.04
C ASP B 317 -17.45 8.63 -7.52
N LEU B 318 -17.27 7.47 -8.14
CA LEU B 318 -15.92 7.07 -8.57
C LEU B 318 -15.61 7.92 -9.79
N VAL B 319 -16.58 8.01 -10.71
CA VAL B 319 -16.37 8.77 -11.94
C VAL B 319 -16.14 10.28 -11.64
N ASP B 320 -16.95 10.86 -10.78
CA ASP B 320 -16.80 12.30 -10.52
C ASP B 320 -15.63 12.57 -9.60
N GLY B 321 -15.33 11.60 -8.73
CA GLY B 321 -14.22 11.76 -7.80
C GLY B 321 -12.90 11.74 -8.59
N TYR B 322 -12.86 10.99 -9.70
CA TYR B 322 -11.66 10.97 -10.53
C TYR B 322 -11.36 12.37 -11.07
N LYS B 323 -12.39 13.07 -11.56
CA LYS B 323 -12.17 14.41 -12.14
C LYS B 323 -11.75 15.38 -11.05
N ARG B 324 -12.35 15.29 -9.86
CA ARG B 324 -11.95 16.17 -8.75
C ARG B 324 -10.50 15.97 -8.34
N SER B 325 -10.06 14.70 -8.33
CA SER B 325 -8.68 14.39 -8.01
C SER B 325 -7.73 15.12 -8.99
N LEU B 326 -7.95 14.93 -10.30
CA LEU B 326 -7.16 15.68 -11.29
C LEU B 326 -7.19 17.20 -11.08
N ALA B 327 -8.36 17.76 -10.81
CA ALA B 327 -8.46 19.20 -10.51
C ALA B 327 -7.52 19.63 -9.39
N GLY B 328 -7.20 18.74 -8.45
CA GLY B 328 -6.30 19.09 -7.35
C GLY B 328 -4.81 19.04 -7.66
N MET B 329 -4.44 18.51 -8.82
CA MET B 329 -3.04 18.28 -9.14
C MET B 329 -2.38 19.42 -9.95
N PRO B 330 -1.23 19.90 -9.48
CA PRO B 330 -0.47 20.86 -10.31
C PRO B 330 0.07 20.23 -11.57
N THR B 331 0.14 20.97 -12.66
CA THR B 331 0.63 20.41 -13.90
C THR B 331 2.09 19.95 -13.79
N GLU B 332 2.91 20.71 -13.06
CA GLU B 332 4.31 20.33 -12.86
C GLU B 332 4.59 20.51 -11.38
N ILE B 333 5.58 19.81 -10.87
CA ILE B 333 6.06 20.02 -9.49
C ILE B 333 7.45 20.69 -9.43
N1 FMN C . 12.26 7.65 9.76
C2 FMN C . 12.45 8.48 10.84
O2 FMN C . 11.53 9.22 11.19
N3 FMN C . 13.66 8.50 11.53
C4 FMN C . 14.72 7.69 11.11
O4 FMN C . 15.81 7.73 11.68
C4A FMN C . 14.54 6.82 10.05
N5 FMN C . 15.57 5.99 9.62
C5A FMN C . 15.41 5.26 8.43
C6 FMN C . 16.48 4.50 7.90
C7 FMN C . 16.32 3.80 6.71
C7M FMN C . 17.44 2.96 6.15
C8 FMN C . 15.10 3.84 6.04
C8M FMN C . 14.94 3.06 4.77
C9 FMN C . 14.04 4.59 6.53
C9A FMN C . 14.20 5.31 7.74
N10 FMN C . 13.16 6.09 8.22
C10 FMN C . 13.33 6.86 9.34
C1' FMN C . 11.87 6.26 7.47
C2' FMN C . 12.16 7.24 6.32
O2' FMN C . 12.32 8.59 6.80
C3' FMN C . 11.00 7.33 5.31
O3' FMN C . 9.80 7.79 5.95
C4' FMN C . 10.72 6.06 4.54
O4' FMN C . 11.98 5.47 4.17
C5' FMN C . 9.82 6.42 3.33
O5' FMN C . 9.44 5.22 2.64
P FMN C . 10.36 4.64 1.45
O1P FMN C . 10.75 5.77 0.54
O2P FMN C . 9.37 3.70 0.78
O3P FMN C . 11.49 3.91 2.09
PA NDP D . 31.32 14.00 7.37
O1A NDP D . 31.22 15.42 7.71
O2A NDP D . 30.43 13.59 6.25
O5B NDP D . 30.86 13.09 8.63
C5B NDP D . 31.42 13.29 9.91
C4B NDP D . 31.36 11.97 10.68
O4B NDP D . 30.01 11.53 10.57
C3B NDP D . 32.24 10.91 10.02
O3B NDP D . 32.65 9.99 11.03
C2B NDP D . 31.21 10.19 9.13
O2B NDP D . 31.50 8.84 8.95
C1B NDP D . 29.99 10.23 10.01
N9A NDP D . 28.73 10.14 9.26
C8A NDP D . 28.42 10.54 7.96
N7A NDP D . 27.06 10.37 7.79
C5A NDP D . 26.54 9.92 8.97
C6A NDP D . 25.26 9.58 9.39
N6A NDP D . 24.20 9.73 8.59
N1A NDP D . 25.06 9.18 10.70
C2A NDP D . 26.14 9.02 11.58
N3A NDP D . 27.42 9.33 11.16
C4A NDP D . 27.60 9.80 9.89
O3 NDP D . 32.82 13.55 7.25
PN NDP D . 33.83 14.43 6.40
O1N NDP D . 33.43 15.87 6.53
O2N NDP D . 33.94 13.74 5.10
O5D NDP D . 35.15 14.11 7.26
P2B NDP D . 32.34 8.36 7.67
O1X NDP D . 33.54 9.24 7.51
O2X NDP D . 32.66 6.93 7.95
O3X NDP D . 31.52 8.61 6.43
PA NDP E . 19.75 0.77 19.35
O1A NDP E . 19.93 0.58 20.83
O2A NDP E . 18.45 1.46 19.04
O5B NDP E . 20.97 1.64 18.79
C5B NDP E . 21.18 2.93 19.29
C4B NDP E . 22.06 3.65 18.27
O4B NDP E . 22.06 5.01 18.61
C3B NDP E . 23.53 3.20 18.33
O3B NDP E . 23.86 2.48 17.17
C2B NDP E . 24.34 4.52 18.49
O2B NDP E . 25.37 4.68 17.54
C1B NDP E . 23.29 5.58 18.22
N9A NDP E . 23.43 6.88 18.91
C8A NDP E . 23.24 8.10 18.29
N7A NDP E . 23.37 9.06 19.20
C5A NDP E . 23.62 8.49 20.42
C6A NDP E . 23.84 9.04 21.69
N6A NDP E . 23.58 10.33 21.92
N1A NDP E . 24.04 8.16 22.76
C2A NDP E . 24.06 6.77 22.57
N3A NDP E . 23.87 6.25 21.30
C4A NDP E . 23.63 7.11 20.24
O3 NDP E . 19.95 -0.61 18.54
P2B NDP E . 26.92 4.63 18.02
O1X NDP E . 26.95 5.28 19.38
O2X NDP E . 27.86 5.37 17.09
O3X NDP E . 27.26 3.17 18.09
C1 GOL F . 31.54 4.83 6.83
O1 GOL F . 31.50 3.58 7.52
C2 GOL F . 30.17 5.31 6.39
O2 GOL F . 30.01 6.61 5.87
C3 GOL F . 29.71 4.47 5.25
O3 GOL F . 28.97 3.63 5.99
NA NA G . -7.07 18.18 4.48
NA NA H . 17.28 -3.97 -8.42
NA NA I . 9.22 3.84 8.44
N1 FMN J . -11.01 -12.56 -5.08
C2 FMN J . -11.11 -13.62 -5.93
O2 FMN J . -10.35 -13.77 -6.91
N3 FMN J . -12.11 -14.55 -5.69
C4 FMN J . -12.96 -14.46 -4.61
O4 FMN J . -13.84 -15.29 -4.46
C4A FMN J . -12.86 -13.36 -3.76
N5 FMN J . -13.70 -13.21 -2.66
C5A FMN J . -13.69 -12.02 -1.95
C6 FMN J . -14.63 -11.84 -0.92
C7 FMN J . -14.58 -10.63 -0.23
C7M FMN J . -15.54 -10.34 0.89
C8 FMN J . -13.61 -9.67 -0.48
C8M FMN J . -13.63 -8.39 0.34
C9 FMN J . -12.69 -9.83 -1.51
C9A FMN J . -12.77 -11.01 -2.26
N10 FMN J . -11.86 -11.23 -3.28
C10 FMN J . -11.94 -12.36 -4.07
C1' FMN J . -10.88 -10.16 -3.70
C2' FMN J . -11.68 -9.16 -4.59
O2' FMN J . -12.04 -9.77 -5.83
C3' FMN J . -10.83 -7.90 -4.86
O3' FMN J . -9.70 -8.26 -5.64
C4' FMN J . -10.42 -7.14 -3.61
O4' FMN J . -11.56 -7.03 -2.78
C5' FMN J . -9.98 -5.75 -4.07
O5' FMN J . -9.43 -5.01 -3.01
P FMN J . -10.37 -4.04 -2.13
O1P FMN J . -11.29 -3.26 -3.05
O2P FMN J . -9.48 -3.15 -1.31
O3P FMN J . -11.16 -4.93 -1.19
PA NDP K . -30.85 -15.14 -6.38
O1A NDP K . -30.93 -15.34 -7.85
O2A NDP K . -30.18 -13.87 -5.98
O5B NDP K . -30.07 -16.36 -5.69
C5B NDP K . -30.28 -17.73 -5.96
C4B NDP K . -29.64 -18.46 -4.77
O4B NDP K . -28.27 -18.07 -4.62
C3B NDP K . -30.35 -18.11 -3.48
O3B NDP K . -30.39 -19.25 -2.64
C2B NDP K . -29.41 -17.09 -2.86
O2B NDP K . -29.45 -17.22 -1.50
C1B NDP K . -28.05 -17.56 -3.33
N9A NDP K . -27.08 -16.49 -3.52
C8A NDP K . -27.31 -15.16 -3.82
N7A NDP K . -26.08 -14.58 -3.98
C5A NDP K . -25.10 -15.51 -3.76
C6A NDP K . -23.70 -15.50 -3.79
N6A NDP K . -22.95 -14.48 -4.25
N1A NDP K . -23.05 -16.70 -3.53
C2A NDP K . -23.69 -17.87 -3.27
N3A NDP K . -25.07 -17.84 -3.20
C4A NDP K . -25.75 -16.70 -3.49
O3 NDP K . -32.26 -15.24 -5.66
PN NDP K . -33.65 -15.21 -6.46
O1N NDP K . -34.70 -14.77 -5.49
O2N NDP K . -33.46 -14.45 -7.74
O5D NDP K . -33.87 -16.79 -6.80
P2B NDP K . -30.48 -16.39 -0.56
O1X NDP K . -31.89 -16.83 -0.88
O2X NDP K . -30.14 -16.73 0.89
O3X NDP K . -30.33 -14.91 -0.83
PA NDP L . -13.83 -23.84 2.69
O1A NDP L . -13.72 -25.32 2.88
O2A NDP L . -12.82 -23.29 1.75
O5B NDP L . -15.31 -23.55 2.14
C5B NDP L . -15.75 -24.12 0.93
C4B NDP L . -17.02 -23.38 0.52
O4B NDP L . -17.28 -23.60 -0.84
C3B NDP L . -18.28 -23.79 1.28
O3B NDP L . -18.71 -22.72 2.11
C2B NDP L . -19.30 -24.09 0.18
O2B NDP L . -20.56 -23.48 0.41
C1B NDP L . -18.67 -23.50 -1.07
N9A NDP L . -18.96 -24.20 -2.34
C8A NDP L . -19.18 -23.57 -3.55
N7A NDP L . -19.36 -24.51 -4.51
C5A NDP L . -19.22 -25.74 -3.94
C6A NDP L . -19.31 -27.04 -4.45
N6A NDP L . -19.43 -27.23 -5.77
N1A NDP L . -19.07 -28.10 -3.58
C2A NDP L . -18.82 -27.91 -2.24
N3A NDP L . -18.75 -26.63 -1.72
C4A NDP L . -18.94 -25.57 -2.56
O3 NDP L . -13.85 -23.06 4.09
P2B NDP L . -21.89 -24.32 0.81
O1X NDP L . -21.77 -24.48 2.31
O2X NDP L . -21.88 -25.68 0.11
O3X NDP L . -23.16 -23.57 0.45
NA NA M . 3.18 -2.55 -19.72
NA NA N . -17.10 3.77 8.65
NA NA O . -7.58 -10.49 -2.06
#